data_7E1R
#
_entry.id   7E1R
#
_cell.length_a   51.793
_cell.length_b   104.443
_cell.length_c   99.576
_cell.angle_alpha   90.000
_cell.angle_beta   99.520
_cell.angle_gamma   90.000
#
_symmetry.space_group_name_H-M   'P 1 21 1'
#
loop_
_entity.id
_entity.type
_entity.pdbx_description
1 polymer '2-nitropropane dioxygenase'
2 polymer 'Acyl carrier protein,Acyl carrier protein'
3 non-polymer 'FLAVIN MONONUCLEOTIDE'
4 non-polymer 'IRON/SULFUR CLUSTER'
5 non-polymer N~3~-[(2S)-2-hydroxy-3,3-dimethyl-4-(phosphonooxy)butanoyl]-N-(2-sulfanylethyl)-beta-alaninamide
6 water water
#
loop_
_entity_poly.entity_id
_entity_poly.type
_entity_poly.pdbx_seq_one_letter_code
_entity_poly.pdbx_strand_id
1 'polypeptide(L)'
;MKHHHHHHHMVSTLKPLKIGKHTIKFPIFQGGMGVGISWDELAGNVAKEGALGVISAVGTGYYKNMRFVERIVAKKPFEA
LNFYSKKALNEIFANARKICGNNPLGANILYAINDYGRVLRDSCEAGANIIITGAGLPTNMPEFAKDFSDVALIPIISSA
KALKILCKRWSDRYKRIPDAFIVEGPLSGGHQGFKYEDCFKEEFRLENLVPKVVEASKEWGNIPIIAAGGIWDRKDIDTM
LSLGASGVQMATRFLGTKECDAKVYADLLPTLKKEDILLIKSPVGYPARAINTGVIKRIEEGNAPKIACVSNCVAPCNRG
EEAKKVGYCIADGLGRSYLGNREEGLYFTGANGYRVDKIISVHELIKELTEG
;
A,C
2 'polypeptide(L)'
;GTSSMGYLMALFEDIQAVIAEQLNVDAAQVTPEAEFVKDLGADSLDVVELIMALEEKFGIEIPDEQAEKIVNVGDVVKYI
EDNKLA
;
B,D
#
# COMPACT_ATOMS: atom_id res chain seq x y z
N HIS A 7 16.24 -1.72 -45.63
CA HIS A 7 15.76 -2.14 -44.34
C HIS A 7 14.53 -1.37 -43.98
N HIS A 8 13.50 -2.02 -43.54
CA HIS A 8 12.24 -1.46 -43.03
C HIS A 8 12.30 -1.33 -41.53
N HIS A 9 11.24 -0.92 -40.91
CA HIS A 9 11.19 -0.71 -39.50
C HIS A 9 10.75 -1.94 -38.92
N MET A 10 11.46 -2.44 -38.00
CA MET A 10 11.20 -3.68 -37.37
C MET A 10 10.63 -3.61 -36.02
N VAL A 11 9.82 -4.57 -35.66
CA VAL A 11 9.21 -4.60 -34.38
C VAL A 11 10.12 -4.89 -33.27
N SER A 12 9.76 -4.45 -32.12
CA SER A 12 10.46 -4.50 -30.83
C SER A 12 10.40 -5.87 -30.12
N THR A 13 11.53 -6.41 -29.67
CA THR A 13 11.40 -7.53 -28.72
C THR A 13 11.20 -7.03 -27.29
N LEU A 14 11.25 -5.72 -27.05
CA LEU A 14 10.88 -5.14 -25.77
C LEU A 14 9.37 -5.27 -25.55
N LYS A 15 9.00 -5.59 -24.33
CA LYS A 15 7.61 -5.81 -23.94
C LYS A 15 6.99 -4.53 -23.38
N PRO A 16 5.70 -4.35 -23.61
CA PRO A 16 4.98 -3.21 -23.03
C PRO A 16 5.02 -3.18 -21.52
N LEU A 17 4.90 -1.96 -21.00
CA LEU A 17 5.06 -1.67 -19.58
C LEU A 17 3.76 -1.11 -19.02
N LYS A 18 3.35 -1.69 -17.90
CA LYS A 18 2.16 -1.34 -17.13
C LYS A 18 2.63 -0.72 -15.83
N ILE A 19 2.12 0.46 -15.50
CA ILE A 19 2.52 1.18 -14.30
C ILE A 19 1.33 1.41 -13.37
N GLY A 20 0.22 1.83 -13.93
CA GLY A 20 -0.94 2.26 -13.17
C GLY A 20 -1.97 1.52 -13.96
N LYS A 21 -3.04 2.20 -14.32
CA LYS A 21 -4.07 1.56 -15.12
C LYS A 21 -3.65 1.61 -16.57
N HIS A 22 -2.49 2.22 -16.82
CA HIS A 22 -1.98 2.61 -18.12
C HIS A 22 -0.84 1.70 -18.58
N THR A 23 -0.88 1.36 -19.85
CA THR A 23 0.16 0.59 -20.49
C THR A 23 0.84 1.42 -21.56
N ILE A 24 2.17 1.41 -21.58
CA ILE A 24 2.90 2.04 -22.66
C ILE A 24 3.54 0.92 -23.49
N LYS A 25 3.55 1.11 -24.81
CA LYS A 25 4.01 0.06 -25.71
C LYS A 25 5.48 -0.27 -25.46
N PHE A 26 6.31 0.75 -25.22
CA PHE A 26 7.71 0.49 -24.99
C PHE A 26 8.10 0.93 -23.58
N PRO A 27 8.95 0.15 -22.90
CA PRO A 27 9.35 0.45 -21.52
C PRO A 27 10.35 1.58 -21.39
N ILE A 28 10.06 2.72 -22.01
CA ILE A 28 10.97 3.86 -22.04
C ILE A 28 10.19 5.08 -21.60
N PHE A 29 10.66 5.74 -20.54
CA PHE A 29 10.21 7.08 -20.23
C PHE A 29 11.15 8.09 -20.90
N GLN A 30 10.56 9.12 -21.49
CA GLN A 30 11.29 10.35 -21.79
C GLN A 30 11.28 11.22 -20.53
N GLY A 31 12.45 11.47 -19.96
CA GLY A 31 12.51 12.14 -18.67
C GLY A 31 12.07 13.60 -18.76
N GLY A 32 11.37 14.05 -17.72
CA GLY A 32 10.96 15.44 -17.68
C GLY A 32 12.16 16.37 -17.67
N MET A 33 12.05 17.48 -18.42
CA MET A 33 13.15 18.45 -18.52
C MET A 33 12.55 19.83 -18.24
N GLY A 34 13.01 20.40 -17.12
CA GLY A 34 12.44 21.63 -16.60
C GLY A 34 12.66 22.94 -17.33
N VAL A 35 11.60 23.75 -17.29
CA VAL A 35 11.31 24.99 -18.01
C VAL A 35 11.34 24.92 -19.53
N GLY A 36 10.39 24.21 -20.11
CA GLY A 36 10.12 24.38 -21.53
C GLY A 36 10.92 23.52 -22.45
N ILE A 37 11.63 22.53 -21.93
CA ILE A 37 12.38 21.63 -22.79
C ILE A 37 11.48 20.51 -23.26
N SER A 38 10.79 19.85 -22.31
CA SER A 38 9.83 18.79 -22.59
C SER A 38 8.42 19.32 -22.33
N TRP A 39 7.87 20.06 -23.29
CA TRP A 39 6.47 20.47 -23.25
C TRP A 39 5.66 19.74 -24.33
N ASP A 40 4.72 20.44 -24.97
CA ASP A 40 3.70 19.74 -25.75
C ASP A 40 4.27 19.02 -26.97
N GLU A 41 5.15 19.68 -27.73
CA GLU A 41 5.64 19.08 -28.96
C GLU A 41 6.45 17.81 -28.69
N LEU A 42 7.41 17.92 -27.78
CA LEU A 42 8.27 16.79 -27.43
C LEU A 42 7.47 15.67 -26.78
N ALA A 43 6.77 15.97 -25.69
CA ALA A 43 6.11 14.93 -24.94
C ALA A 43 5.01 14.28 -25.78
N GLY A 44 4.26 15.09 -26.52
CA GLY A 44 3.24 14.55 -27.39
C GLY A 44 3.79 13.63 -28.46
N ASN A 45 4.93 13.99 -29.06
CA ASN A 45 5.49 13.12 -30.07
C ASN A 45 6.06 11.85 -29.46
N VAL A 46 6.72 11.96 -28.32
CA VAL A 46 7.27 10.78 -27.67
C VAL A 46 6.15 9.81 -27.33
N ALA A 47 5.06 10.31 -26.74
CA ALA A 47 3.92 9.43 -26.44
C ALA A 47 3.27 8.87 -27.69
N LYS A 48 3.16 9.67 -28.74
CA LYS A 48 2.64 9.17 -30.01
C LYS A 48 3.46 8.01 -30.55
N GLU A 49 4.77 8.01 -30.31
CA GLU A 49 5.64 6.94 -30.79
C GLU A 49 5.63 5.71 -29.89
N GLY A 50 4.83 5.70 -28.81
CA GLY A 50 4.69 4.54 -27.94
C GLY A 50 5.45 4.58 -26.63
N ALA A 51 6.30 5.57 -26.40
CA ALA A 51 6.98 5.72 -25.12
C ALA A 51 6.17 6.66 -24.23
N LEU A 52 6.62 6.85 -22.99
CA LEU A 52 5.97 7.76 -22.06
C LEU A 52 6.54 9.15 -22.29
N GLY A 53 5.72 10.06 -22.80
CA GLY A 53 6.08 11.47 -22.78
C GLY A 53 5.81 12.05 -21.40
N VAL A 54 6.71 12.93 -20.95
CA VAL A 54 6.62 13.52 -19.61
C VAL A 54 6.71 15.04 -19.78
N ILE A 55 5.61 15.72 -19.49
CA ILE A 55 5.56 17.18 -19.51
C ILE A 55 6.14 17.71 -18.21
N SER A 56 7.16 18.56 -18.32
CA SER A 56 7.66 19.25 -17.14
C SER A 56 6.68 20.35 -16.75
N ALA A 57 6.23 20.32 -15.49
CA ALA A 57 5.28 21.30 -15.00
C ALA A 57 5.96 22.51 -14.37
N VAL A 58 7.27 22.59 -14.45
CA VAL A 58 8.03 23.65 -13.79
C VAL A 58 8.15 24.83 -14.75
N GLY A 59 7.87 26.03 -14.23
CA GLY A 59 8.08 27.25 -14.98
C GLY A 59 7.16 27.41 -16.17
N THR A 60 5.96 26.84 -16.10
CA THR A 60 5.04 26.91 -17.23
C THR A 60 4.61 28.33 -17.54
N GLY A 61 4.73 29.25 -16.58
CA GLY A 61 4.41 30.65 -16.85
C GLY A 61 5.16 31.21 -18.03
N TYR A 62 6.39 30.75 -18.25
CA TYR A 62 7.21 31.21 -19.37
C TYR A 62 6.67 30.77 -20.73
N TYR A 63 5.72 29.85 -20.75
CA TYR A 63 5.16 29.33 -22.00
C TYR A 63 4.77 30.43 -22.98
N LYS A 64 5.26 30.29 -24.21
CA LYS A 64 4.99 31.23 -25.28
C LYS A 64 5.24 32.66 -24.83
N ASN A 65 6.36 32.85 -24.13
CA ASN A 65 6.77 34.15 -23.64
C ASN A 65 5.67 34.73 -22.75
N MET A 66 5.24 33.93 -21.76
CA MET A 66 4.33 34.41 -20.71
C MET A 66 2.96 34.82 -21.26
N ARG A 67 2.46 34.10 -22.26
CA ARG A 67 1.15 34.46 -22.82
C ARG A 67 0.01 34.33 -21.83
N PHE A 68 0.16 33.50 -20.80
CA PHE A 68 -0.96 33.14 -19.93
C PHE A 68 -0.69 33.52 -18.48
N VAL A 69 -0.02 34.63 -18.22
CA VAL A 69 0.18 35.04 -16.84
C VAL A 69 -0.68 36.26 -16.57
N GLU A 70 -1.05 36.44 -15.30
CA GLU A 70 -1.77 37.63 -14.91
C GLU A 70 -0.83 38.77 -14.52
N ARG A 71 0.37 38.47 -14.03
CA ARG A 71 1.22 39.53 -13.52
C ARG A 71 2.69 39.24 -13.74
N ILE A 72 3.37 40.24 -14.29
CA ILE A 72 4.80 40.19 -14.61
C ILE A 72 5.51 41.29 -13.83
N VAL A 73 6.55 40.90 -13.08
CA VAL A 73 7.41 41.84 -12.39
C VAL A 73 8.83 41.65 -12.91
N ALA A 74 9.44 42.74 -13.39
CA ALA A 74 10.84 42.72 -13.85
C ALA A 74 11.02 41.71 -14.98
N LYS A 75 10.02 41.61 -15.85
CA LYS A 75 9.97 40.69 -16.99
C LYS A 75 9.98 39.22 -16.57
N LYS A 76 9.55 38.93 -15.36
CA LYS A 76 9.51 37.56 -14.84
C LYS A 76 8.13 37.27 -14.27
N PRO A 77 7.69 36.02 -14.29
CA PRO A 77 6.42 35.69 -13.66
C PRO A 77 6.51 35.89 -12.15
N PHE A 78 5.53 36.58 -11.59
CA PHE A 78 5.54 36.99 -10.19
C PHE A 78 4.97 35.91 -9.30
N GLU A 79 5.79 35.39 -8.39
CA GLU A 79 5.38 34.39 -7.41
C GLU A 79 4.96 33.06 -8.04
N ALA A 80 4.80 32.04 -7.20
CA ALA A 80 4.47 30.69 -7.67
C ALA A 80 3.18 30.63 -8.48
N LEU A 81 2.19 31.49 -8.20
CA LEU A 81 0.95 31.43 -8.96
C LEU A 81 1.19 31.66 -10.45
N ASN A 82 2.14 32.52 -10.79
CA ASN A 82 2.43 32.81 -12.19
C ASN A 82 3.57 31.97 -12.73
N PHE A 83 4.55 31.62 -11.90
CA PHE A 83 5.62 30.75 -12.40
C PHE A 83 5.07 29.39 -12.77
N TYR A 84 4.17 28.84 -11.93
CA TYR A 84 3.45 27.62 -12.22
C TYR A 84 2.03 27.97 -12.65
N SER A 85 1.88 28.35 -13.92
CA SER A 85 0.60 28.87 -14.39
C SER A 85 -0.29 27.68 -14.75
N LYS A 86 -1.43 27.55 -14.13
CA LYS A 86 -2.32 26.49 -14.43
C LYS A 86 -2.81 26.63 -15.82
N LYS A 87 -3.19 27.82 -16.23
CA LYS A 87 -3.70 28.02 -17.58
C LYS A 87 -2.68 27.52 -18.60
N ALA A 88 -1.44 27.95 -18.46
CA ALA A 88 -0.38 27.50 -19.37
C ALA A 88 -0.27 25.99 -19.39
N LEU A 89 -0.24 25.36 -18.21
CA LEU A 89 -0.13 23.91 -18.12
C LEU A 89 -1.27 23.21 -18.85
N ASN A 90 -2.50 23.68 -18.62
CA ASN A 90 -3.65 23.16 -19.35
C ASN A 90 -3.41 23.23 -20.85
N GLU A 91 -2.85 24.32 -21.33
CA GLU A 91 -2.62 24.50 -22.74
C GLU A 91 -1.54 23.64 -23.28
N ILE A 92 -0.51 23.41 -22.52
CA ILE A 92 0.55 22.48 -22.91
C ILE A 92 0.00 21.07 -23.03
N PHE A 93 -0.80 20.66 -22.06
CA PHE A 93 -1.35 19.32 -22.15
C PHE A 93 -2.30 19.18 -23.33
N ALA A 94 -3.13 20.20 -23.58
CA ALA A 94 -4.07 20.14 -24.69
C ALA A 94 -3.33 19.99 -26.01
N ASN A 95 -2.32 20.79 -26.26
CA ASN A 95 -1.59 20.65 -27.51
C ASN A 95 -0.74 19.43 -27.58
N ALA A 96 -0.30 18.92 -26.46
CA ALA A 96 0.33 17.60 -26.48
C ALA A 96 -0.65 16.50 -26.88
N ARG A 97 -1.89 16.58 -26.40
CA ARG A 97 -2.88 15.57 -26.77
C ARG A 97 -3.36 15.72 -28.20
N LYS A 98 -3.20 16.91 -28.79
CA LYS A 98 -3.41 17.00 -30.24
C LYS A 98 -2.49 16.02 -30.98
N ILE A 99 -1.29 15.78 -30.44
CA ILE A 99 -0.34 14.91 -31.13
C ILE A 99 -0.50 13.45 -30.68
N CYS A 100 -0.68 13.20 -29.38
CA CYS A 100 -0.66 11.85 -28.84
C CYS A 100 -2.04 11.29 -28.50
N GLY A 101 -3.09 12.11 -28.48
CA GLY A 101 -4.42 11.60 -28.15
C GLY A 101 -4.47 11.11 -26.71
N ASN A 102 -4.88 9.89 -26.55
CA ASN A 102 -5.04 9.29 -25.27
C ASN A 102 -3.90 8.43 -24.80
N ASN A 103 -2.82 8.52 -25.52
CA ASN A 103 -1.60 7.84 -25.11
C ASN A 103 -1.13 8.43 -23.79
N PRO A 104 -0.60 7.63 -22.87
CA PRO A 104 -0.27 8.16 -21.54
C PRO A 104 0.74 9.29 -21.57
N LEU A 105 0.59 10.20 -20.62
CA LEU A 105 1.51 11.30 -20.40
C LEU A 105 1.83 11.40 -18.90
N GLY A 106 3.09 11.68 -18.61
CA GLY A 106 3.47 12.08 -17.27
C GLY A 106 3.53 13.58 -17.15
N ALA A 107 3.52 14.04 -15.90
CA ALA A 107 3.88 15.38 -15.49
C ALA A 107 5.01 15.28 -14.47
N ASN A 108 6.10 15.99 -14.72
CA ASN A 108 7.25 16.00 -13.81
C ASN A 108 7.19 17.26 -12.93
N ILE A 109 7.23 17.07 -11.62
CA ILE A 109 7.13 18.14 -10.63
C ILE A 109 8.19 17.93 -9.56
N LEU A 110 9.18 18.83 -9.51
CA LEU A 110 10.17 18.75 -8.45
C LEU A 110 9.51 18.95 -7.09
N TYR A 111 9.88 18.11 -6.13
CA TYR A 111 9.30 18.20 -4.80
C TYR A 111 9.63 19.53 -4.11
N ALA A 112 10.78 20.13 -4.45
CA ALA A 112 11.27 21.34 -3.79
C ALA A 112 10.45 22.58 -4.08
N ILE A 113 9.54 22.55 -5.05
CA ILE A 113 8.87 23.78 -5.45
C ILE A 113 7.93 24.26 -4.34
N ASN A 114 7.76 25.57 -4.26
CA ASN A 114 6.64 26.14 -3.54
C ASN A 114 5.33 25.78 -4.24
N ASP A 115 4.27 25.60 -3.45
CA ASP A 115 2.95 25.26 -3.98
C ASP A 115 2.94 23.89 -4.64
N TYR A 116 3.83 22.99 -4.17
CA TYR A 116 3.95 21.67 -4.77
C TYR A 116 2.59 21.01 -4.93
N GLY A 117 1.80 20.99 -3.86
CA GLY A 117 0.53 20.28 -3.89
C GLY A 117 -0.43 20.86 -4.92
N ARG A 118 -0.53 22.20 -4.95
CA ARG A 118 -1.38 22.83 -5.94
C ARG A 118 -0.99 22.42 -7.35
N VAL A 119 0.30 22.36 -7.63
CA VAL A 119 0.77 22.04 -8.99
C VAL A 119 0.52 20.58 -9.32
N LEU A 120 0.68 19.69 -8.33
CA LEU A 120 0.30 18.29 -8.53
C LEU A 120 -1.17 18.19 -8.93
N ARG A 121 -2.02 18.88 -8.17
CA ARG A 121 -3.45 18.87 -8.47
C ARG A 121 -3.73 19.48 -9.84
N ASP A 122 -3.14 20.64 -10.12
CA ASP A 122 -3.20 21.25 -11.44
C ASP A 122 -2.89 20.23 -12.52
N SER A 123 -1.81 19.45 -12.32
CA SER A 123 -1.39 18.49 -13.32
C SER A 123 -2.44 17.41 -13.52
N CYS A 124 -3.03 16.93 -12.43
CA CYS A 124 -4.14 15.98 -12.58
C CYS A 124 -5.31 16.60 -13.35
N GLU A 125 -5.68 17.84 -13.02
CA GLU A 125 -6.80 18.47 -13.70
C GLU A 125 -6.47 18.81 -15.14
N ALA A 126 -5.18 19.09 -15.43
CA ALA A 126 -4.71 19.23 -16.80
C ALA A 126 -4.76 17.92 -17.58
N GLY A 127 -5.02 16.80 -16.91
CA GLY A 127 -5.12 15.50 -17.53
C GLY A 127 -3.90 14.61 -17.56
N ALA A 128 -2.89 14.83 -16.71
CA ALA A 128 -1.79 13.89 -16.60
C ALA A 128 -2.28 12.50 -16.20
N ASN A 129 -1.72 11.46 -16.82
CA ASN A 129 -1.95 10.10 -16.35
C ASN A 129 -1.01 9.73 -15.20
N ILE A 130 0.23 10.22 -15.25
CA ILE A 130 1.23 9.81 -14.28
C ILE A 130 1.92 11.07 -13.76
N ILE A 131 2.21 11.10 -12.47
CA ILE A 131 3.04 12.13 -11.84
C ILE A 131 4.37 11.54 -11.42
N ILE A 132 5.47 12.19 -11.82
CA ILE A 132 6.83 11.82 -11.45
C ILE A 132 7.44 12.95 -10.65
N THR A 133 8.06 12.62 -9.51
CA THR A 133 8.61 13.65 -8.61
C THR A 133 9.94 13.23 -8.02
N GLY A 134 10.96 14.05 -8.26
CA GLY A 134 12.27 13.92 -7.62
C GLY A 134 12.62 15.14 -6.82
N ALA A 135 13.91 15.44 -6.71
CA ALA A 135 14.41 16.62 -6.02
C ALA A 135 13.87 16.68 -4.60
N GLY A 136 13.97 15.55 -3.92
CA GLY A 136 13.50 15.46 -2.55
C GLY A 136 13.10 14.03 -2.25
N LEU A 137 12.62 13.85 -1.02
CA LEU A 137 12.09 12.57 -0.60
C LEU A 137 10.60 12.85 -0.46
N PRO A 138 9.82 12.56 -1.49
CA PRO A 138 8.41 13.01 -1.60
C PRO A 138 7.40 12.23 -0.78
N THR A 139 7.49 12.39 0.54
CA THR A 139 6.61 11.64 1.43
C THR A 139 5.15 12.11 1.35
N ASN A 140 4.88 13.30 0.81
CA ASN A 140 3.51 13.80 0.75
C ASN A 140 2.95 13.94 -0.67
N MET A 141 3.55 13.27 -1.66
CA MET A 141 2.98 13.28 -3.00
C MET A 141 1.49 12.97 -3.03
N PRO A 142 1.01 11.92 -2.35
CA PRO A 142 -0.41 11.52 -2.42
C PRO A 142 -1.45 12.46 -1.82
N GLU A 143 -1.10 13.38 -0.91
CA GLU A 143 -2.12 14.21 -0.26
C GLU A 143 -2.97 15.04 -1.23
N PHE A 144 -2.41 15.34 -2.36
CA PHE A 144 -3.12 16.12 -3.32
C PHE A 144 -3.75 15.39 -4.44
N ALA A 145 -3.41 14.15 -4.58
CA ALA A 145 -3.92 13.23 -5.57
C ALA A 145 -5.16 12.46 -5.12
N LYS A 146 -5.67 12.72 -3.92
CA LYS A 146 -6.68 11.83 -3.33
C LYS A 146 -7.97 11.77 -4.17
N ASP A 147 -8.27 12.83 -4.93
CA ASP A 147 -9.39 12.90 -5.88
C ASP A 147 -9.05 12.42 -7.29
N PHE A 148 -7.89 11.80 -7.50
CA PHE A 148 -7.46 11.36 -8.83
C PHE A 148 -6.93 9.93 -8.84
N SER A 149 -7.77 9.02 -8.42
CA SER A 149 -7.43 7.64 -8.30
C SER A 149 -6.75 6.99 -9.47
N ASP A 150 -7.00 7.51 -10.64
CA ASP A 150 -6.42 6.98 -11.84
C ASP A 150 -5.00 7.45 -12.08
N VAL A 151 -4.53 8.39 -11.29
CA VAL A 151 -3.20 8.94 -11.48
C VAL A 151 -2.16 8.09 -10.76
N ALA A 152 -1.15 7.66 -11.54
CA ALA A 152 -0.04 6.89 -11.01
C ALA A 152 1.00 7.83 -10.41
N LEU A 153 1.64 7.40 -9.33
CA LEU A 153 2.62 8.23 -8.62
C LEU A 153 3.97 7.53 -8.62
N ILE A 154 5.01 8.26 -9.02
CA ILE A 154 6.35 7.69 -9.16
C ILE A 154 7.37 8.61 -8.49
N PRO A 155 7.89 8.23 -7.32
CA PRO A 155 9.03 8.94 -6.76
C PRO A 155 10.32 8.62 -7.50
N ILE A 156 11.22 9.60 -7.51
CA ILE A 156 12.59 9.41 -7.95
C ILE A 156 13.46 9.27 -6.71
N ILE A 157 14.29 8.23 -6.69
CA ILE A 157 15.10 7.87 -5.54
C ILE A 157 16.51 7.53 -6.01
N SER A 158 17.41 7.43 -5.03
CA SER A 158 18.80 7.09 -5.29
C SER A 158 19.28 5.97 -4.38
N SER A 159 18.39 5.37 -3.60
CA SER A 159 18.80 4.31 -2.67
C SER A 159 17.62 3.41 -2.35
N ALA A 160 17.93 2.20 -1.88
CA ALA A 160 16.90 1.29 -1.40
C ALA A 160 16.33 1.78 -0.07
N LYS A 161 17.13 2.50 0.65
CA LYS A 161 16.75 3.03 1.88
C LYS A 161 15.62 3.97 1.67
N ALA A 162 15.73 4.83 0.68
CA ALA A 162 14.69 5.79 0.33
C ALA A 162 13.40 5.08 -0.07
N LEU A 163 13.54 3.97 -0.81
CA LEU A 163 12.37 3.20 -1.22
C LEU A 163 11.60 2.70 0.00
N LYS A 164 12.31 2.14 0.96
CA LYS A 164 11.65 1.57 2.13
C LYS A 164 10.95 2.66 2.91
N ILE A 165 11.64 3.79 3.09
CA ILE A 165 11.08 4.90 3.84
C ILE A 165 9.80 5.39 3.17
N LEU A 166 9.87 5.63 1.87
CA LEU A 166 8.73 6.13 1.11
C LEU A 166 7.55 5.18 1.22
N CYS A 167 7.79 3.88 1.01
CA CYS A 167 6.68 2.93 1.07
C CYS A 167 6.03 2.96 2.44
N LYS A 168 6.80 2.94 3.50
CA LYS A 168 6.20 2.96 4.79
C LYS A 168 5.43 4.19 5.05
N ARG A 169 5.95 5.32 4.67
CA ARG A 169 5.28 6.58 4.99
C ARG A 169 4.03 6.76 4.14
N TRP A 170 4.07 6.30 2.90
CA TRP A 170 2.91 6.32 2.03
C TRP A 170 1.80 5.44 2.55
N SER A 171 2.14 4.21 2.93
CA SER A 171 1.11 3.33 3.48
C SER A 171 0.49 3.95 4.73
N ASP A 172 1.30 4.44 5.62
CA ASP A 172 0.78 5.04 6.80
C ASP A 172 -0.16 6.16 6.54
N ARG A 173 0.24 7.08 5.73
CA ARG A 173 -0.51 8.33 5.61
C ARG A 173 -1.63 8.30 4.58
N TYR A 174 -1.49 7.47 3.54
CA TYR A 174 -2.36 7.52 2.38
C TYR A 174 -2.94 6.19 1.95
N LYS A 175 -2.59 5.10 2.62
CA LYS A 175 -3.05 3.76 2.24
C LYS A 175 -2.76 3.53 0.76
N ARG A 176 -1.53 3.83 0.41
CA ARG A 176 -1.07 3.67 -0.94
C ARG A 176 0.35 3.32 -1.03
N ILE A 177 0.73 2.65 -2.07
CA ILE A 177 2.15 2.40 -2.27
C ILE A 177 2.49 2.96 -3.64
N PRO A 178 3.71 3.40 -3.90
CA PRO A 178 4.02 3.95 -5.22
C PRO A 178 3.71 2.95 -6.33
N ASP A 179 3.30 3.48 -7.48
CA ASP A 179 3.03 2.65 -8.64
C ASP A 179 4.31 2.24 -9.34
N ALA A 180 5.41 2.94 -9.08
CA ALA A 180 6.73 2.60 -9.59
C ALA A 180 7.74 3.52 -8.93
N PHE A 181 9.01 3.19 -9.11
CA PHE A 181 10.12 4.02 -8.64
C PHE A 181 11.06 4.24 -9.80
N ILE A 182 11.51 5.48 -10.00
CA ILE A 182 12.66 5.75 -10.85
C ILE A 182 13.90 5.84 -9.97
N VAL A 183 14.93 5.08 -10.31
CA VAL A 183 16.24 5.15 -9.67
C VAL A 183 17.15 5.99 -10.55
N GLU A 184 17.50 7.20 -10.10
CA GLU A 184 18.28 8.11 -10.93
C GLU A 184 19.75 8.14 -10.52
N GLY A 185 20.63 7.67 -11.40
CA GLY A 185 22.04 7.61 -11.08
C GLY A 185 22.70 8.96 -11.29
N PRO A 186 23.99 9.04 -10.94
CA PRO A 186 24.71 10.32 -10.96
C PRO A 186 25.17 10.81 -12.32
N LEU A 187 24.72 10.25 -13.42
CA LEU A 187 25.10 10.80 -14.69
C LEU A 187 23.98 11.50 -15.35
N SER A 188 22.96 11.77 -14.64
CA SER A 188 21.82 12.41 -15.17
C SER A 188 21.89 13.89 -15.30
N GLY A 189 20.98 14.46 -16.07
CA GLY A 189 21.01 15.89 -16.22
C GLY A 189 20.25 16.58 -15.09
N GLY A 190 20.46 17.88 -14.93
CA GLY A 190 19.69 18.57 -13.92
C GLY A 190 20.24 18.22 -12.56
N HIS A 191 19.36 18.19 -11.57
CA HIS A 191 19.82 18.06 -10.20
C HIS A 191 20.13 16.61 -9.89
N GLN A 192 21.27 16.38 -9.23
CA GLN A 192 21.71 15.04 -8.87
C GLN A 192 21.16 14.67 -7.49
N GLY A 193 20.84 13.40 -7.30
CA GLY A 193 20.38 12.99 -5.99
C GLY A 193 21.46 12.56 -5.02
N PHE A 194 22.64 13.09 -5.13
CA PHE A 194 23.73 12.75 -4.26
C PHE A 194 24.55 13.96 -3.93
N LYS A 195 25.23 13.95 -2.82
CA LYS A 195 26.11 15.06 -2.50
C LYS A 195 27.28 15.12 -3.48
N TYR A 196 27.76 16.30 -3.75
CA TYR A 196 28.79 16.44 -4.78
C TYR A 196 29.84 15.35 -4.69
N GLU A 197 30.33 15.12 -3.52
CA GLU A 197 31.37 14.18 -3.32
C GLU A 197 31.00 12.82 -3.80
N ASP A 198 29.77 12.44 -3.57
CA ASP A 198 29.39 11.04 -3.80
C ASP A 198 29.12 10.77 -5.28
N CYS A 199 29.05 11.79 -6.06
CA CYS A 199 28.72 11.60 -7.43
C CYS A 199 29.78 11.04 -8.25
N PHE A 200 30.86 10.68 -7.64
CA PHE A 200 31.96 10.12 -8.37
C PHE A 200 32.31 8.76 -7.97
N LYS A 201 31.81 8.32 -6.88
CA LYS A 201 32.19 7.02 -6.46
C LYS A 201 31.62 5.93 -7.32
N GLU A 202 32.21 4.75 -7.27
CA GLU A 202 31.82 3.62 -8.08
C GLU A 202 30.75 2.97 -7.35
N GLU A 203 30.69 3.30 -6.14
CA GLU A 203 29.64 2.66 -5.36
C GLU A 203 28.25 3.04 -5.86
N PHE A 204 28.11 4.21 -6.40
CA PHE A 204 26.82 4.69 -6.86
C PHE A 204 26.54 4.59 -8.34
N ARG A 205 27.33 3.97 -9.13
CA ARG A 205 26.93 3.92 -10.46
C ARG A 205 25.57 3.35 -10.60
N LEU A 206 25.01 3.50 -11.77
CA LEU A 206 23.63 3.08 -11.90
C LEU A 206 23.54 1.56 -11.86
N GLU A 207 24.55 0.87 -12.44
CA GLU A 207 24.54 -0.58 -12.46
C GLU A 207 24.68 -1.21 -11.08
N ASN A 208 25.32 -0.52 -10.12
CA ASN A 208 25.33 -1.04 -8.75
C ASN A 208 24.07 -0.71 -7.95
N LEU A 209 23.40 0.41 -8.25
CA LEU A 209 22.22 0.81 -7.48
C LEU A 209 20.99 0.04 -7.90
N VAL A 210 20.84 -0.23 -9.19
CA VAL A 210 19.59 -0.83 -9.68
C VAL A 210 19.33 -2.17 -8.99
N PRO A 211 20.30 -3.10 -8.91
CA PRO A 211 20.01 -4.36 -8.22
C PRO A 211 19.63 -4.17 -6.75
N LYS A 212 20.20 -3.27 -6.03
CA LYS A 212 19.84 -3.07 -4.66
C LYS A 212 18.47 -2.56 -4.50
N VAL A 213 18.08 -1.62 -5.32
CA VAL A 213 16.73 -1.06 -5.23
C VAL A 213 15.71 -2.10 -5.66
N VAL A 214 16.04 -2.90 -6.69
CA VAL A 214 15.14 -3.95 -7.14
C VAL A 214 14.93 -4.98 -6.04
N GLU A 215 16.03 -5.42 -5.43
CA GLU A 215 15.96 -6.35 -4.31
C GLU A 215 15.09 -5.80 -3.19
N ALA A 216 15.33 -4.53 -2.80
CA ALA A 216 14.48 -3.94 -1.77
C ALA A 216 13.02 -3.83 -2.20
N SER A 217 12.76 -3.65 -3.50
CA SER A 217 11.38 -3.48 -3.94
C SER A 217 10.59 -4.78 -3.95
N LYS A 218 11.23 -5.89 -4.00
CA LYS A 218 10.50 -7.07 -4.05
C LYS A 218 9.84 -7.25 -2.78
N GLU A 219 10.37 -6.71 -1.75
CA GLU A 219 9.78 -6.83 -0.46
C GLU A 219 8.47 -6.22 -0.37
N TRP A 220 8.13 -5.35 -1.30
CA TRP A 220 6.86 -4.65 -1.32
C TRP A 220 6.06 -5.01 -2.56
N GLY A 221 5.93 -6.29 -2.89
CA GLY A 221 5.09 -6.69 -4.00
C GLY A 221 5.59 -6.39 -5.40
N ASN A 222 6.91 -6.28 -5.56
CA ASN A 222 7.56 -6.13 -6.87
C ASN A 222 7.11 -4.86 -7.61
N ILE A 223 7.31 -3.73 -6.95
CA ILE A 223 7.11 -2.42 -7.58
C ILE A 223 8.02 -2.25 -8.80
N PRO A 224 7.51 -1.79 -9.94
CA PRO A 224 8.37 -1.59 -11.12
C PRO A 224 9.50 -0.60 -10.84
N ILE A 225 10.69 -0.90 -11.38
CA ILE A 225 11.88 -0.08 -11.21
C ILE A 225 12.34 0.43 -12.57
N ILE A 226 12.54 1.74 -12.66
CA ILE A 226 12.91 2.39 -13.91
C ILE A 226 14.28 3.03 -13.72
N ALA A 227 15.28 2.56 -14.48
CA ALA A 227 16.65 3.03 -14.32
C ALA A 227 16.84 4.30 -15.11
N ALA A 228 17.49 5.30 -14.51
CA ALA A 228 17.73 6.53 -15.25
C ALA A 228 19.13 7.04 -14.96
N GLY A 229 19.74 7.64 -15.99
CA GLY A 229 20.99 8.35 -15.84
C GLY A 229 22.16 7.74 -16.59
N GLY A 230 22.44 8.28 -17.78
CA GLY A 230 23.53 7.77 -18.59
C GLY A 230 23.14 6.73 -19.60
N ILE A 231 21.86 6.40 -19.72
CA ILE A 231 21.43 5.36 -20.63
C ILE A 231 21.36 5.96 -22.04
N TRP A 232 22.16 5.41 -22.95
CA TRP A 232 22.33 6.04 -24.26
C TRP A 232 21.67 5.28 -25.39
N ASP A 233 21.87 3.96 -25.51
CA ASP A 233 21.30 3.25 -26.65
C ASP A 233 20.63 1.96 -26.19
N ARG A 234 20.21 1.13 -27.16
CA ARG A 234 19.50 -0.11 -26.84
C ARG A 234 20.39 -1.05 -26.02
N LYS A 235 21.67 -0.99 -26.22
CA LYS A 235 22.63 -1.81 -25.50
C LYS A 235 22.69 -1.54 -24.04
N ASP A 236 22.29 -0.35 -23.67
CA ASP A 236 22.28 0.09 -22.34
C ASP A 236 21.01 -0.21 -21.75
N ILE A 237 19.97 -0.05 -22.49
CA ILE A 237 18.63 -0.48 -22.07
C ILE A 237 18.65 -1.95 -21.65
N ASP A 238 19.16 -2.83 -22.52
CA ASP A 238 19.17 -4.24 -22.19
C ASP A 238 20.05 -4.51 -21.00
N THR A 239 21.14 -3.76 -20.85
CA THR A 239 21.92 -3.93 -19.63
C THR A 239 21.07 -3.66 -18.40
N MET A 240 20.34 -2.54 -18.38
CA MET A 240 19.54 -2.24 -17.19
C MET A 240 18.42 -3.25 -16.99
N LEU A 241 17.75 -3.68 -18.05
CA LEU A 241 16.68 -4.66 -17.89
C LEU A 241 17.20 -6.01 -17.37
N SER A 242 18.40 -6.42 -17.81
CA SER A 242 18.99 -7.66 -17.30
C SER A 242 19.26 -7.60 -15.81
N LEU A 243 19.45 -6.43 -15.24
CA LEU A 243 19.70 -6.26 -13.83
C LEU A 243 18.50 -6.12 -13.01
N GLY A 244 17.35 -6.19 -13.60
CA GLY A 244 16.10 -6.18 -12.87
C GLY A 244 15.23 -4.96 -13.05
N ALA A 245 15.71 -3.94 -13.76
CA ALA A 245 14.87 -2.79 -14.02
C ALA A 245 13.69 -3.20 -14.88
N SER A 246 12.51 -2.70 -14.56
CA SER A 246 11.37 -2.88 -15.44
C SER A 246 11.39 -1.92 -16.61
N GLY A 247 12.10 -0.80 -16.50
CA GLY A 247 12.15 0.11 -17.62
C GLY A 247 13.34 1.04 -17.49
N VAL A 248 13.39 2.02 -18.40
CA VAL A 248 14.41 3.05 -18.37
C VAL A 248 13.79 4.42 -18.58
N GLN A 249 14.44 5.45 -18.05
CA GLN A 249 14.11 6.83 -18.32
C GLN A 249 15.33 7.52 -18.92
N MET A 250 15.13 8.14 -20.08
CA MET A 250 16.18 8.85 -20.79
C MET A 250 15.75 10.29 -21.03
N ALA A 251 16.73 11.19 -21.09
CA ALA A 251 16.40 12.59 -21.31
C ALA A 251 17.35 13.24 -22.30
N THR A 252 18.67 13.06 -22.09
CA THR A 252 19.66 13.68 -22.97
C THR A 252 19.44 13.32 -24.44
N ARG A 253 19.14 12.12 -24.74
CA ARG A 253 18.89 11.75 -26.04
C ARG A 253 17.76 12.51 -26.57
N PHE A 254 16.64 12.61 -25.89
CA PHE A 254 15.49 13.39 -26.34
C PHE A 254 15.80 14.88 -26.36
N LEU A 255 16.68 15.35 -25.44
CA LEU A 255 17.21 16.70 -25.55
C LEU A 255 17.85 16.91 -26.92
N GLY A 256 18.36 15.85 -27.53
CA GLY A 256 18.98 15.95 -28.83
C GLY A 256 18.02 15.76 -29.99
N THR A 257 16.71 15.94 -29.79
CA THR A 257 15.77 15.77 -30.88
C THR A 257 15.26 17.11 -31.39
N LYS A 258 14.68 17.09 -32.54
CA LYS A 258 14.12 18.25 -33.06
C LYS A 258 12.87 18.64 -32.46
N GLU A 259 12.12 17.71 -31.99
CA GLU A 259 10.86 18.02 -31.33
C GLU A 259 11.03 18.65 -29.96
N CYS A 260 12.27 18.69 -29.46
CA CYS A 260 12.52 19.33 -28.17
C CYS A 260 11.95 20.74 -28.18
N ASP A 261 11.33 21.18 -27.09
CA ASP A 261 10.65 22.45 -27.06
C ASP A 261 11.45 23.65 -26.88
N ALA A 262 12.63 23.50 -26.46
CA ALA A 262 13.52 24.64 -26.31
C ALA A 262 14.48 24.56 -27.47
N LYS A 263 14.15 25.26 -28.54
CA LYS A 263 14.87 25.02 -29.80
C LYS A 263 16.33 25.40 -29.74
N VAL A 264 16.73 26.22 -28.77
CA VAL A 264 18.12 26.63 -28.64
C VAL A 264 19.01 25.40 -28.47
N TYR A 265 18.51 24.32 -27.82
CA TYR A 265 19.38 23.16 -27.64
C TYR A 265 19.75 22.51 -28.97
N ALA A 266 18.88 22.61 -29.98
CA ALA A 266 19.22 22.04 -31.27
C ALA A 266 20.42 22.75 -31.86
N ASP A 267 20.71 23.88 -31.28
CA ASP A 267 21.80 24.65 -31.69
C ASP A 267 22.99 24.43 -30.87
N LEU A 268 22.86 24.16 -29.62
CA LEU A 268 24.01 23.99 -28.73
C LEU A 268 24.66 22.65 -28.43
N LEU A 269 24.01 21.53 -28.70
CA LEU A 269 24.50 20.22 -28.29
C LEU A 269 25.48 19.57 -29.18
N PRO A 270 25.36 19.83 -30.42
CA PRO A 270 26.24 19.30 -31.42
C PRO A 270 27.60 19.86 -31.25
N THR A 271 27.71 21.04 -30.74
CA THR A 271 29.03 21.64 -30.48
C THR A 271 29.62 21.29 -29.12
N LEU A 272 28.87 20.61 -28.27
CA LEU A 272 29.23 20.43 -26.86
C LEU A 272 30.46 19.56 -26.70
N LYS A 273 31.47 20.08 -25.99
CA LYS A 273 32.68 19.33 -25.66
C LYS A 273 32.49 18.74 -24.27
N LYS A 274 33.14 17.60 -24.02
CA LYS A 274 32.93 16.93 -22.74
C LYS A 274 33.38 17.79 -21.56
N GLU A 275 34.48 18.53 -21.72
CA GLU A 275 35.01 19.34 -20.62
C GLU A 275 34.19 20.59 -20.35
N ASP A 276 33.24 20.93 -21.20
CA ASP A 276 32.39 22.07 -20.88
C ASP A 276 31.12 21.62 -20.16
N ILE A 277 31.07 20.36 -19.72
CA ILE A 277 29.98 19.87 -18.91
C ILE A 277 30.49 19.86 -17.47
N LEU A 278 29.87 20.64 -16.61
CA LEU A 278 30.33 20.78 -15.23
C LEU A 278 29.22 20.39 -14.27
N LEU A 279 29.62 20.09 -13.04
CA LEU A 279 28.70 19.94 -11.92
C LEU A 279 28.82 21.15 -11.00
N ILE A 280 27.70 21.86 -10.80
CA ILE A 280 27.63 23.16 -10.16
C ILE A 280 26.67 23.08 -8.99
N LYS A 281 26.73 24.10 -8.14
CA LYS A 281 25.76 24.27 -7.06
C LYS A 281 24.46 24.88 -7.59
N SER A 282 23.41 24.74 -6.78
CA SER A 282 22.06 25.12 -7.18
C SER A 282 21.30 25.64 -5.96
N PRO A 283 20.41 26.62 -6.14
CA PRO A 283 19.56 27.08 -5.02
C PRO A 283 18.62 26.01 -4.52
N VAL A 284 18.41 24.93 -5.28
CA VAL A 284 17.55 23.83 -4.87
C VAL A 284 18.22 22.95 -3.82
N GLY A 285 19.54 23.05 -3.69
CA GLY A 285 20.26 22.35 -2.64
C GLY A 285 20.78 21.00 -3.06
N TYR A 286 20.69 20.67 -4.35
CA TYR A 286 21.36 19.53 -4.93
C TYR A 286 22.35 19.98 -6.00
N PRO A 287 23.38 19.20 -6.26
CA PRO A 287 24.27 19.51 -7.38
C PRO A 287 23.52 19.38 -8.69
N ALA A 288 23.91 20.19 -9.67
CA ALA A 288 23.24 20.16 -10.96
C ALA A 288 24.29 20.05 -12.04
N ARG A 289 24.02 19.25 -13.05
CA ARG A 289 24.91 19.10 -14.19
C ARG A 289 24.50 20.06 -15.28
N ALA A 290 25.43 20.92 -15.71
CA ALA A 290 25.08 22.02 -16.59
C ALA A 290 26.17 22.19 -17.63
N ILE A 291 25.88 23.02 -18.61
CA ILE A 291 26.81 23.34 -19.68
C ILE A 291 27.50 24.65 -19.33
N ASN A 292 28.80 24.74 -19.65
CA ASN A 292 29.60 25.94 -19.42
C ASN A 292 29.30 27.01 -20.45
N THR A 293 28.12 27.62 -20.28
CA THR A 293 27.61 28.65 -21.18
C THR A 293 26.55 29.44 -20.42
N GLY A 294 26.09 30.51 -21.05
CA GLY A 294 25.04 31.33 -20.43
C GLY A 294 25.47 31.96 -19.12
N VAL A 295 24.57 31.90 -18.13
CA VAL A 295 24.80 32.60 -16.86
C VAL A 295 26.07 32.13 -16.20
N ILE A 296 26.54 30.99 -16.59
CA ILE A 296 27.67 30.39 -15.93
C ILE A 296 28.96 31.01 -16.35
N LYS A 297 29.00 31.35 -17.58
CA LYS A 297 30.08 32.18 -18.10
C LYS A 297 29.96 33.63 -17.61
N ARG A 298 28.74 34.17 -17.52
CA ARG A 298 28.62 35.53 -17.01
C ARG A 298 29.12 35.66 -15.58
N ILE A 299 28.81 34.67 -14.72
CA ILE A 299 29.31 34.73 -13.35
C ILE A 299 30.82 34.65 -13.36
N GLU A 300 31.40 33.84 -14.26
CA GLU A 300 32.85 33.76 -14.33
C GLU A 300 33.44 35.12 -14.67
N GLU A 301 32.72 35.89 -15.50
CA GLU A 301 33.24 37.17 -15.96
C GLU A 301 32.90 38.29 -15.00
N GLY A 302 31.98 38.03 -14.06
CA GLY A 302 31.54 39.04 -13.14
C GLY A 302 30.44 39.90 -13.72
N ASN A 303 29.85 39.49 -14.82
CA ASN A 303 28.86 40.37 -15.42
C ASN A 303 27.51 39.58 -15.52
N ALA A 304 27.27 38.72 -14.53
CA ALA A 304 26.04 37.93 -14.41
C ALA A 304 24.85 38.81 -13.98
N PRO A 305 23.61 38.37 -14.25
CA PRO A 305 22.44 39.22 -13.99
C PRO A 305 22.20 39.49 -12.52
N LYS A 306 21.57 40.63 -12.24
CA LYS A 306 21.14 40.91 -10.87
C LYS A 306 20.15 39.85 -10.39
N ILE A 307 20.31 39.41 -9.16
CA ILE A 307 19.37 38.46 -8.55
C ILE A 307 18.31 39.26 -7.81
N ALA A 308 17.05 39.03 -8.15
CA ALA A 308 15.92 39.67 -7.47
C ALA A 308 14.79 38.65 -7.52
N CYS A 309 14.52 38.00 -6.38
CA CYS A 309 13.57 36.90 -6.37
C CYS A 309 12.17 37.36 -6.77
N VAL A 310 11.80 37.11 -8.03
CA VAL A 310 10.46 37.40 -8.51
C VAL A 310 9.58 36.16 -8.57
N SER A 311 10.10 35.04 -9.12
CA SER A 311 9.23 33.88 -9.32
C SER A 311 9.07 33.01 -8.09
N ASN A 312 10.01 33.06 -7.12
CA ASN A 312 9.92 32.29 -5.86
C ASN A 312 9.70 30.80 -6.10
N CYS A 313 10.55 30.21 -6.94
CA CYS A 313 10.24 28.90 -7.53
C CYS A 313 10.36 27.75 -6.53
N VAL A 314 11.36 27.76 -5.63
CA VAL A 314 11.64 26.58 -4.79
C VAL A 314 11.80 27.01 -3.35
N ALA A 315 11.29 26.17 -2.44
CA ALA A 315 11.41 26.45 -1.01
C ALA A 315 12.83 26.49 -0.47
N PRO A 316 13.74 25.56 -0.83
CA PRO A 316 15.07 25.58 -0.17
C PRO A 316 15.90 26.83 -0.42
N CYS A 317 15.59 27.61 -1.45
CA CYS A 317 16.40 28.80 -1.72
C CYS A 317 16.13 29.93 -0.74
N ASN A 318 14.94 29.94 -0.13
CA ASN A 318 14.56 30.97 0.84
C ASN A 318 14.50 32.37 0.21
N ARG A 319 14.00 32.44 -0.97
CA ARG A 319 13.73 33.66 -1.57
C ARG A 319 14.75 34.51 -2.11
N GLY A 320 15.75 33.87 -2.58
CA GLY A 320 16.90 34.49 -3.20
C GLY A 320 18.17 34.40 -2.40
N GLU A 321 18.07 33.91 -1.22
CA GLU A 321 19.20 33.81 -0.42
C GLU A 321 20.18 32.89 -0.94
N GLU A 322 19.85 31.67 -1.24
CA GLU A 322 20.79 30.73 -1.81
C GLU A 322 21.09 30.94 -3.19
N ALA A 323 20.20 31.57 -3.89
CA ALA A 323 20.57 32.02 -5.24
C ALA A 323 21.75 32.98 -5.17
N LYS A 324 21.86 33.84 -4.20
CA LYS A 324 22.93 34.74 -4.14
C LYS A 324 24.08 34.06 -3.63
N LYS A 325 23.89 33.12 -2.80
CA LYS A 325 25.09 32.42 -2.37
C LYS A 325 25.73 31.65 -3.52
N VAL A 326 24.93 31.18 -4.49
CA VAL A 326 25.50 30.41 -5.60
C VAL A 326 25.65 31.23 -6.88
N GLY A 327 25.14 32.47 -6.92
CA GLY A 327 25.44 33.36 -8.01
C GLY A 327 24.40 33.45 -9.11
N TYR A 328 23.34 32.67 -9.04
CA TYR A 328 22.33 32.75 -10.10
C TYR A 328 20.98 32.28 -9.59
N CYS A 329 19.96 32.76 -10.29
CA CYS A 329 18.58 32.36 -10.05
C CYS A 329 18.18 31.32 -11.08
N ILE A 330 17.72 30.16 -10.59
CA ILE A 330 17.50 29.06 -11.52
C ILE A 330 16.21 29.27 -12.29
N ALA A 331 15.23 29.97 -11.72
CA ALA A 331 14.02 30.28 -12.45
C ALA A 331 14.31 31.24 -13.59
N ASP A 332 15.08 32.30 -13.30
CA ASP A 332 15.43 33.27 -14.35
C ASP A 332 16.30 32.60 -15.40
N GLY A 333 17.30 31.83 -14.98
CA GLY A 333 18.18 31.20 -15.94
C GLY A 333 17.45 30.26 -16.88
N LEU A 334 16.66 29.35 -16.30
CA LEU A 334 15.98 28.36 -17.15
C LEU A 334 14.92 29.02 -18.03
N GLY A 335 14.19 30.00 -17.50
CA GLY A 335 13.24 30.70 -18.34
C GLY A 335 13.93 31.42 -19.48
N ARG A 336 15.04 32.09 -19.18
CA ARG A 336 15.82 32.76 -20.21
C ARG A 336 16.26 31.78 -21.30
N SER A 337 16.67 30.57 -20.89
CA SER A 337 17.08 29.58 -21.89
C SER A 337 15.94 29.21 -22.81
N TYR A 338 14.75 28.96 -22.24
CA TYR A 338 13.59 28.63 -23.08
C TYR A 338 13.28 29.75 -24.08
N LEU A 339 13.39 31.01 -23.64
CA LEU A 339 13.23 32.16 -24.51
C LEU A 339 14.38 32.32 -25.50
N GLY A 340 15.41 31.49 -25.45
CA GLY A 340 16.50 31.59 -26.41
C GLY A 340 17.63 32.53 -26.05
N ASN A 341 17.75 32.91 -24.79
CA ASN A 341 18.78 33.86 -24.38
C ASN A 341 20.09 33.09 -24.22
N ARG A 342 20.99 33.25 -25.19
CA ARG A 342 22.28 32.57 -25.11
C ARG A 342 23.24 33.23 -24.13
N GLU A 343 23.07 34.46 -23.74
CA GLU A 343 24.02 35.01 -22.84
C GLU A 343 23.66 34.92 -21.44
N GLU A 344 22.40 34.86 -21.15
CA GLU A 344 21.99 34.79 -19.75
C GLU A 344 21.17 33.55 -19.41
N GLY A 345 20.97 32.63 -20.35
CA GLY A 345 20.26 31.41 -20.02
C GLY A 345 21.11 30.44 -19.20
N LEU A 346 20.44 29.53 -18.50
CA LEU A 346 21.08 28.40 -17.83
C LEU A 346 20.73 27.13 -18.61
N TYR A 347 21.74 26.32 -18.92
CA TYR A 347 21.53 25.16 -19.77
C TYR A 347 22.01 23.90 -19.07
N PHE A 348 21.19 22.85 -19.11
CA PHE A 348 21.46 21.59 -18.44
C PHE A 348 21.76 20.52 -19.47
N THR A 349 22.37 19.44 -19.01
CA THR A 349 22.64 18.28 -19.86
C THR A 349 23.00 17.09 -19.00
N GLY A 350 22.75 15.91 -19.55
CA GLY A 350 23.33 14.71 -19.00
C GLY A 350 24.81 14.65 -19.31
N ALA A 351 25.49 13.71 -18.64
CA ALA A 351 26.92 13.53 -18.88
C ALA A 351 27.21 13.09 -20.31
N ASN A 352 26.26 12.45 -20.98
CA ASN A 352 26.45 12.05 -22.36
C ASN A 352 26.14 13.13 -23.38
N GLY A 353 25.82 14.36 -22.92
CA GLY A 353 25.48 15.43 -23.87
C GLY A 353 26.48 15.61 -25.00
N TYR A 354 27.76 15.40 -24.72
CA TYR A 354 28.81 15.61 -25.71
C TYR A 354 28.76 14.61 -26.85
N ARG A 355 28.12 13.47 -26.65
CA ARG A 355 27.98 12.48 -27.70
C ARG A 355 26.94 12.86 -28.74
N VAL A 356 26.22 13.96 -28.54
CA VAL A 356 25.23 14.41 -29.52
C VAL A 356 25.94 15.14 -30.66
N ASP A 357 25.77 14.63 -31.89
CA ASP A 357 26.31 15.26 -33.09
C ASP A 357 25.28 15.53 -34.17
N LYS A 358 24.27 14.70 -34.26
CA LYS A 358 23.19 14.96 -35.20
C LYS A 358 21.89 15.13 -34.43
N ILE A 359 21.10 16.13 -34.83
CA ILE A 359 19.79 16.30 -34.21
C ILE A 359 18.84 15.43 -35.02
N ILE A 360 18.18 14.50 -34.36
CA ILE A 360 17.38 13.47 -35.00
C ILE A 360 15.94 13.66 -34.55
N SER A 361 15.02 13.11 -35.34
CA SER A 361 13.63 13.17 -34.95
C SER A 361 13.31 12.16 -33.85
N VAL A 362 12.29 12.50 -33.06
CA VAL A 362 11.83 11.59 -32.01
C VAL A 362 11.44 10.24 -32.59
N HIS A 363 10.91 10.22 -33.76
CA HIS A 363 10.54 9.01 -34.39
C HIS A 363 11.69 8.20 -34.71
N GLU A 364 12.71 8.81 -35.21
CA GLU A 364 13.88 8.07 -35.55
C GLU A 364 14.66 7.61 -34.36
N LEU A 365 14.62 8.36 -33.30
CA LEU A 365 15.25 7.98 -32.04
C LEU A 365 14.57 6.77 -31.42
N ILE A 366 13.24 6.83 -31.31
CA ILE A 366 12.51 5.73 -30.69
C ILE A 366 12.67 4.46 -31.49
N LYS A 367 12.89 4.55 -32.76
CA LYS A 367 13.07 3.38 -33.57
C LYS A 367 14.40 2.85 -33.35
N GLU A 368 15.41 3.63 -33.30
CA GLU A 368 16.66 3.08 -33.04
C GLU A 368 16.76 2.44 -31.72
N LEU A 369 16.02 2.90 -30.75
CA LEU A 369 16.09 2.22 -29.47
C LEU A 369 15.23 0.95 -29.43
N THR A 370 14.20 0.82 -30.28
CA THR A 370 13.29 -0.31 -30.13
C THR A 370 13.39 -1.43 -31.16
N GLU A 371 14.06 -1.24 -32.31
CA GLU A 371 14.13 -2.32 -33.29
C GLU A 371 14.69 -3.60 -32.70
N GLY A 372 13.93 -4.68 -32.81
CA GLY A 372 14.39 -5.99 -32.40
C GLY A 372 14.76 -6.07 -30.93
N PHE B 12 11.71 11.25 29.42
CA PHE B 12 12.93 11.49 28.66
C PHE B 12 13.68 10.19 28.48
N GLU B 13 13.64 9.34 29.51
CA GLU B 13 14.40 8.10 29.46
C GLU B 13 13.92 7.20 28.34
N ASP B 14 12.63 7.31 27.98
CA ASP B 14 12.06 6.52 26.89
C ASP B 14 12.47 7.08 25.52
N ILE B 15 12.52 8.41 25.38
CA ILE B 15 13.04 9.06 24.17
C ILE B 15 14.48 8.64 23.94
N GLN B 16 15.28 8.72 25.00
CA GLN B 16 16.69 8.36 24.95
C GLN B 16 16.90 6.93 24.47
N ALA B 17 16.01 6.02 24.87
CA ALA B 17 16.16 4.59 24.55
C ALA B 17 15.91 4.31 23.07
N VAL B 18 14.87 4.94 22.50
CA VAL B 18 14.62 4.79 21.06
C VAL B 18 15.73 5.45 20.25
N ILE B 19 16.19 6.64 20.66
CA ILE B 19 17.28 7.30 19.95
C ILE B 19 18.55 6.45 20.01
N ALA B 20 18.76 5.77 21.14
CA ALA B 20 19.92 4.92 21.32
C ALA B 20 19.88 3.71 20.41
N GLU B 21 18.76 2.98 20.44
CA GLU B 21 18.62 1.77 19.64
C GLU B 21 18.60 2.08 18.14
N GLN B 22 17.88 3.14 17.73
CA GLN B 22 17.74 3.46 16.30
C GLN B 22 19.10 3.81 15.67
N LEU B 23 19.89 4.66 16.33
CA LEU B 23 21.17 5.08 15.78
C LEU B 23 22.32 4.16 16.16
N ASN B 24 22.04 3.05 16.86
CA ASN B 24 23.07 2.11 17.32
C ASN B 24 24.14 2.87 18.12
N VAL B 25 23.66 3.50 19.19
CA VAL B 25 24.41 4.46 19.99
C VAL B 25 23.99 4.29 21.44
N ASP B 26 24.94 4.45 22.38
CA ASP B 26 24.68 4.26 23.81
C ASP B 26 23.77 5.34 24.38
N ALA B 27 22.99 4.99 25.41
CA ALA B 27 22.13 5.97 26.08
C ALA B 27 22.93 7.13 26.69
N ALA B 28 24.24 6.95 26.92
CA ALA B 28 25.05 8.00 27.54
C ALA B 28 25.41 9.12 26.58
N GLN B 29 25.43 8.86 25.27
CA GLN B 29 25.70 9.92 24.29
C GLN B 29 24.45 10.75 23.97
N VAL B 30 23.27 10.23 24.28
CA VAL B 30 21.99 10.89 23.92
C VAL B 30 21.72 11.91 25.02
N THR B 31 22.33 13.07 24.87
CA THR B 31 22.23 14.25 25.71
C THR B 31 21.40 15.32 25.00
N PRO B 32 20.58 16.09 25.73
CA PRO B 32 19.74 17.11 25.08
C PRO B 32 20.51 18.10 24.22
N GLU B 33 21.84 18.13 24.36
CA GLU B 33 22.65 18.97 23.50
C GLU B 33 23.05 18.24 22.21
N ALA B 34 23.25 16.93 22.29
CA ALA B 34 23.77 16.17 21.16
C ALA B 34 22.88 16.32 19.92
N GLU B 35 23.51 16.61 18.79
CA GLU B 35 22.83 16.76 17.51
C GLU B 35 22.92 15.45 16.72
N PHE B 36 21.78 15.00 16.19
CA PHE B 36 21.73 13.79 15.39
C PHE B 36 22.67 13.88 14.19
N VAL B 37 22.85 15.10 13.63
CA VAL B 37 23.65 15.24 12.42
C VAL B 37 25.10 14.90 12.74
N LYS B 38 25.68 15.63 13.72
CA LYS B 38 27.11 15.86 13.98
C LYS B 38 27.66 14.95 15.05
N ASP B 39 26.94 14.86 16.18
CA ASP B 39 27.36 14.13 17.38
C ASP B 39 27.08 12.61 17.28
N LEU B 40 25.89 12.22 16.84
CA LEU B 40 25.49 10.81 16.85
C LEU B 40 25.73 10.08 15.53
N GLY B 41 26.03 10.81 14.45
CA GLY B 41 26.47 10.25 13.19
C GLY B 41 25.38 9.62 12.36
N ALA B 42 24.35 10.40 12.01
CA ALA B 42 23.20 9.91 11.26
C ALA B 42 23.12 10.65 9.93
N ASP B 43 22.77 9.92 8.85
CA ASP B 43 22.51 10.51 7.53
C ASP B 43 21.03 10.88 7.41
N SER B 44 20.59 11.50 6.31
CA SER B 44 19.22 12.13 6.33
C SER B 44 18.15 11.11 6.56
N LEU B 45 18.35 9.88 6.07
CA LEU B 45 17.28 8.88 6.14
C LEU B 45 17.27 8.17 7.50
N ASP B 46 18.44 8.09 8.15
CA ASP B 46 18.45 7.72 9.57
C ASP B 46 17.52 8.62 10.36
N VAL B 47 17.55 9.92 10.05
CA VAL B 47 16.69 10.89 10.72
C VAL B 47 15.23 10.51 10.52
N VAL B 48 14.86 10.17 9.29
CA VAL B 48 13.46 9.89 9.01
C VAL B 48 13.02 8.59 9.68
N GLU B 49 13.90 7.63 9.72
CA GLU B 49 13.49 6.41 10.33
C GLU B 49 13.24 6.66 11.79
N LEU B 50 14.04 7.54 12.32
CA LEU B 50 14.00 7.86 13.75
C LEU B 50 12.70 8.54 14.10
N ILE B 51 12.43 9.69 13.46
CA ILE B 51 11.09 10.28 13.54
C ILE B 51 10.03 9.20 13.42
N MET B 52 10.14 8.33 12.41
CA MET B 52 9.23 7.20 12.23
C MET B 52 9.03 6.43 13.53
N ALA B 53 10.14 6.09 14.21
CA ALA B 53 10.07 5.25 15.39
C ALA B 53 9.49 6.00 16.58
N LEU B 54 9.81 7.30 16.70
CA LEU B 54 9.29 8.11 17.81
C LEU B 54 7.77 8.31 17.71
N GLU B 55 7.26 8.62 16.51
CA GLU B 55 5.83 8.89 16.39
C GLU B 55 5.00 7.61 16.52
N GLU B 56 5.59 6.45 16.35
CA GLU B 56 4.88 5.27 16.80
C GLU B 56 5.01 5.07 18.30
N LYS B 57 6.27 5.02 18.79
CA LYS B 57 6.51 4.69 20.19
C LYS B 57 5.60 5.48 21.13
N PHE B 58 5.42 6.77 20.84
CA PHE B 58 4.61 7.65 21.68
C PHE B 58 3.33 8.07 20.99
N GLY B 59 2.91 7.34 19.95
CA GLY B 59 1.66 7.60 19.26
C GLY B 59 1.40 9.07 18.93
N ILE B 60 2.34 9.71 18.24
CA ILE B 60 2.24 11.10 17.86
C ILE B 60 2.46 11.17 16.35
N GLU B 61 2.28 12.30 15.78
CA GLU B 61 2.61 12.52 14.43
C GLU B 61 3.47 13.70 14.42
N ILE B 62 4.56 13.60 13.71
CA ILE B 62 5.41 14.71 13.58
C ILE B 62 5.43 15.01 12.15
N PRO B 63 4.85 16.11 11.78
CA PRO B 63 4.82 16.51 10.40
C PRO B 63 6.18 16.89 9.96
N ASP B 64 6.42 16.83 8.66
CA ASP B 64 7.72 17.20 8.17
C ASP B 64 8.03 18.64 8.47
N GLU B 65 7.08 19.54 8.40
CA GLU B 65 7.32 20.93 8.68
C GLU B 65 7.79 21.11 10.04
N GLN B 66 7.15 20.47 10.99
CA GLN B 66 7.63 20.53 12.32
C GLN B 66 8.92 19.80 12.43
N ALA B 67 9.08 18.67 11.78
CA ALA B 67 10.29 17.88 11.87
C ALA B 67 11.54 18.38 11.29
N GLU B 68 11.44 19.25 10.32
CA GLU B 68 12.62 19.81 9.69
C GLU B 68 13.38 20.69 10.68
N LYS B 69 12.68 21.39 11.53
CA LYS B 69 13.20 22.22 12.53
C LYS B 69 14.03 21.56 13.63
N ILE B 70 13.88 20.27 13.89
CA ILE B 70 14.63 19.67 14.99
C ILE B 70 15.97 19.09 14.63
N VAL B 71 17.05 19.46 15.35
CA VAL B 71 18.38 18.95 14.99
C VAL B 71 19.02 18.24 16.18
N ASN B 72 18.69 18.66 17.39
CA ASN B 72 19.23 18.07 18.62
C ASN B 72 18.12 17.40 19.42
N VAL B 73 18.51 16.43 20.26
CA VAL B 73 17.51 15.59 20.92
C VAL B 73 16.64 16.38 21.90
N GLY B 74 17.13 17.52 22.38
CA GLY B 74 16.27 18.40 23.14
C GLY B 74 15.09 18.91 22.32
N ASP B 75 15.36 19.35 21.08
CA ASP B 75 14.29 19.79 20.18
C ASP B 75 13.23 18.72 20.02
N VAL B 76 13.65 17.46 19.88
CA VAL B 76 12.68 16.38 19.79
C VAL B 76 11.99 16.17 21.14
N VAL B 77 12.76 16.14 22.23
CA VAL B 77 12.17 15.96 23.57
C VAL B 77 11.07 16.99 23.79
N LYS B 78 11.37 18.27 23.52
CA LYS B 78 10.40 19.33 23.75
C LYS B 78 9.15 19.18 22.89
N TYR B 79 9.29 18.64 21.67
CA TYR B 79 8.12 18.49 20.80
C TYR B 79 7.21 17.38 21.30
N ILE B 80 7.78 16.24 21.68
CA ILE B 80 6.99 15.19 22.33
C ILE B 80 6.23 15.76 23.52
N GLU B 81 6.86 16.71 24.24
CA GLU B 81 6.30 17.23 25.48
C GLU B 81 4.96 17.90 25.24
N ASP B 82 4.88 18.76 24.22
CA ASP B 82 3.70 19.53 23.99
C ASP B 82 2.73 18.86 23.03
CA HIS C 7 -19.12 3.42 43.10
C HIS C 7 -19.75 4.42 42.13
N HIS C 8 -18.98 4.85 41.13
CA HIS C 8 -19.49 5.63 40.01
C HIS C 8 -18.73 5.19 38.76
N HIS C 9 -19.08 5.74 37.61
CA HIS C 9 -18.53 5.30 36.34
C HIS C 9 -17.21 6.00 36.05
N MET C 10 -16.12 5.23 35.92
CA MET C 10 -14.76 5.76 35.79
C MET C 10 -14.33 5.72 34.32
N VAL C 11 -13.76 6.84 33.87
CA VAL C 11 -13.00 6.89 32.62
C VAL C 11 -11.76 6.01 32.43
N SER C 12 -11.70 5.44 31.23
CA SER C 12 -10.69 4.53 30.69
C SER C 12 -9.26 5.10 30.60
N THR C 13 -8.25 4.40 31.09
CA THR C 13 -6.88 4.77 30.73
C THR C 13 -6.47 4.18 29.38
N LEU C 14 -7.34 3.38 28.78
CA LEU C 14 -7.16 2.90 27.41
C LEU C 14 -7.33 4.02 26.40
N LYS C 15 -6.48 3.99 25.37
CA LYS C 15 -6.46 5.03 24.37
C LYS C 15 -7.38 4.65 23.21
N PRO C 16 -7.98 5.66 22.57
CA PRO C 16 -8.77 5.42 21.36
C PRO C 16 -7.94 4.80 20.24
N LEU C 17 -8.62 4.06 19.37
CA LEU C 17 -7.98 3.27 18.31
C LEU C 17 -8.44 3.76 16.95
N LYS C 18 -7.54 4.07 16.09
CA LYS C 18 -7.87 4.47 14.78
C LYS C 18 -7.54 3.45 13.69
N ILE C 19 -8.47 3.11 12.85
CA ILE C 19 -8.35 2.16 11.76
C ILE C 19 -8.81 2.83 10.47
N GLY C 20 -7.88 3.02 9.53
CA GLY C 20 -8.20 3.85 8.39
C GLY C 20 -8.58 5.21 8.93
N LYS C 21 -9.69 5.77 8.43
CA LYS C 21 -10.16 7.07 8.85
C LYS C 21 -10.99 7.01 10.13
N HIS C 22 -11.24 5.84 10.70
CA HIS C 22 -12.25 5.79 11.73
C HIS C 22 -11.58 5.61 13.08
N THR C 23 -12.07 6.35 14.06
CA THR C 23 -11.59 6.22 15.43
C THR C 23 -12.72 5.72 16.32
N ILE C 24 -12.41 4.73 17.14
CA ILE C 24 -13.32 4.25 18.16
C ILE C 24 -12.77 4.62 19.54
N LYS C 25 -13.67 4.96 20.44
CA LYS C 25 -13.30 5.48 21.76
C LYS C 25 -12.50 4.47 22.57
N PHE C 26 -12.86 3.18 22.49
CA PHE C 26 -12.13 2.16 23.22
C PHE C 26 -11.51 1.17 22.25
N PRO C 27 -10.28 0.70 22.52
CA PRO C 27 -9.57 -0.22 21.62
C PRO C 27 -10.09 -1.66 21.67
N ILE C 28 -11.40 -1.83 21.55
CA ILE C 28 -12.05 -3.13 21.66
C ILE C 28 -12.95 -3.35 20.45
N PHE C 29 -12.71 -4.44 19.71
CA PHE C 29 -13.69 -4.94 18.77
C PHE C 29 -14.59 -5.96 19.46
N GLN C 30 -15.89 -5.85 19.24
CA GLN C 30 -16.79 -6.98 19.46
C GLN C 30 -16.77 -7.86 18.21
N GLY C 31 -16.29 -9.10 18.35
CA GLY C 31 -16.08 -9.93 17.18
C GLY C 31 -17.37 -10.34 16.48
N GLY C 32 -17.30 -10.39 15.15
CA GLY C 32 -18.45 -10.83 14.38
C GLY C 32 -18.80 -12.27 14.73
N MET C 33 -20.11 -12.54 14.83
CA MET C 33 -20.61 -13.87 15.19
C MET C 33 -21.67 -14.23 14.16
N GLY C 34 -21.37 -15.26 13.38
CA GLY C 34 -22.17 -15.67 12.23
C GLY C 34 -23.55 -16.27 12.44
N VAL C 35 -24.45 -15.90 11.51
CA VAL C 35 -25.90 -16.08 11.44
C VAL C 35 -26.73 -15.56 12.62
N GLY C 36 -26.77 -14.25 12.77
CA GLY C 36 -27.78 -13.66 13.61
C GLY C 36 -27.39 -13.51 15.06
N ILE C 37 -26.12 -13.71 15.40
CA ILE C 37 -25.72 -13.50 16.77
C ILE C 37 -25.39 -12.03 17.01
N SER C 38 -24.55 -11.44 16.15
CA SER C 38 -24.20 -10.02 16.22
C SER C 38 -24.86 -9.31 15.05
N TRP C 39 -26.15 -9.00 15.20
CA TRP C 39 -26.85 -8.15 14.23
C TRP C 39 -27.16 -6.79 14.84
N ASP C 40 -28.34 -6.22 14.58
CA ASP C 40 -28.51 -4.79 14.86
C ASP C 40 -28.46 -4.50 16.36
N GLU C 41 -29.13 -5.29 17.18
CA GLU C 41 -29.18 -4.99 18.61
C GLU C 41 -27.79 -5.04 19.24
N LEU C 42 -27.07 -6.14 19.02
CA LEU C 42 -25.74 -6.28 19.59
C LEU C 42 -24.77 -5.25 19.05
N ALA C 43 -24.60 -5.21 17.72
CA ALA C 43 -23.58 -4.34 17.16
C ALA C 43 -23.91 -2.88 17.40
N GLY C 44 -25.19 -2.50 17.26
CA GLY C 44 -25.58 -1.12 17.53
C GLY C 44 -25.32 -0.70 18.96
N ASN C 45 -25.61 -1.58 19.93
CA ASN C 45 -25.36 -1.23 21.32
C ASN C 45 -23.86 -1.20 21.63
N VAL C 46 -23.10 -2.15 21.09
CA VAL C 46 -21.66 -2.16 21.33
C VAL C 46 -21.05 -0.87 20.80
N ALA C 47 -21.43 -0.47 19.58
CA ALA C 47 -20.93 0.78 19.02
C ALA C 47 -21.39 2.01 19.81
N LYS C 48 -22.63 2.00 20.30
CA LYS C 48 -23.11 3.12 21.12
C LYS C 48 -22.25 3.35 22.38
N GLU C 49 -21.71 2.29 22.98
CA GLU C 49 -20.88 2.38 24.19
C GLU C 49 -19.41 2.71 23.91
N GLY C 50 -19.03 2.94 22.64
CA GLY C 50 -17.69 3.35 22.28
C GLY C 50 -16.77 2.29 21.71
N ALA C 51 -17.17 1.02 21.69
CA ALA C 51 -16.36 0.00 21.05
C ALA C 51 -16.80 -0.18 19.61
N LEU C 52 -16.11 -1.04 18.85
CA LEU C 52 -16.48 -1.32 17.48
C LEU C 52 -17.51 -2.44 17.46
N GLY C 53 -18.75 -2.10 17.08
CA GLY C 53 -19.72 -3.14 16.76
C GLY C 53 -19.49 -3.70 15.38
N VAL C 54 -19.67 -5.02 15.25
CA VAL C 54 -19.41 -5.72 13.99
C VAL C 54 -20.64 -6.56 13.64
N ILE C 55 -21.32 -6.17 12.56
CA ILE C 55 -22.46 -6.91 12.05
C ILE C 55 -21.95 -8.08 11.21
N SER C 56 -22.35 -9.30 11.57
CA SER C 56 -22.04 -10.44 10.71
C SER C 56 -22.93 -10.41 9.49
N ALA C 57 -22.33 -10.44 8.30
CA ALA C 57 -23.05 -10.39 7.04
C ALA C 57 -23.41 -11.76 6.50
N VAL C 58 -23.14 -12.81 7.27
CA VAL C 58 -23.33 -14.18 6.83
C VAL C 58 -24.75 -14.60 7.17
N GLY C 59 -25.44 -15.18 6.19
CA GLY C 59 -26.75 -15.76 6.45
C GLY C 59 -27.82 -14.73 6.78
N THR C 60 -27.69 -13.51 6.26
CA THR C 60 -28.65 -12.47 6.59
C THR C 60 -30.04 -12.80 6.10
N GLY C 61 -30.16 -13.71 5.12
CA GLY C 61 -31.47 -14.13 4.66
C GLY C 61 -32.37 -14.67 5.76
N TYR C 62 -31.78 -15.31 6.78
CA TYR C 62 -32.58 -15.84 7.88
C TYR C 62 -33.20 -14.75 8.74
N TYR C 63 -32.75 -13.50 8.58
CA TYR C 63 -33.25 -12.41 9.42
C TYR C 63 -34.77 -12.41 9.48
N LYS C 64 -35.28 -12.35 10.71
CA LYS C 64 -36.71 -12.30 10.96
C LYS C 64 -37.48 -13.39 10.23
N ASN C 65 -36.93 -14.61 10.30
CA ASN C 65 -37.54 -15.78 9.66
C ASN C 65 -37.69 -15.53 8.17
N MET C 66 -36.57 -15.14 7.56
CA MET C 66 -36.53 -15.09 6.12
C MET C 66 -37.48 -14.05 5.53
N ARG C 67 -37.65 -12.95 6.25
CA ARG C 67 -38.56 -11.89 5.81
C ARG C 67 -38.11 -11.21 4.53
N PHE C 68 -36.82 -11.21 4.19
CA PHE C 68 -36.38 -10.40 3.06
C PHE C 68 -35.76 -11.29 2.02
N VAL C 69 -36.26 -12.50 1.86
CA VAL C 69 -35.74 -13.33 0.79
C VAL C 69 -36.85 -13.40 -0.24
N GLU C 70 -36.47 -13.61 -1.50
CA GLU C 70 -37.46 -13.82 -2.55
C GLU C 70 -37.85 -15.28 -2.74
N ARG C 71 -36.93 -16.16 -2.45
CA ARG C 71 -37.13 -17.56 -2.65
C ARG C 71 -36.73 -18.54 -1.61
N ILE C 72 -37.62 -19.41 -1.19
CA ILE C 72 -37.44 -20.40 -0.14
C ILE C 72 -37.63 -21.82 -0.63
N VAL C 73 -36.63 -22.68 -0.40
CA VAL C 73 -36.78 -24.10 -0.68
C VAL C 73 -36.57 -24.81 0.66
N ALA C 74 -37.57 -25.61 1.07
CA ALA C 74 -37.49 -26.41 2.29
C ALA C 74 -37.23 -25.51 3.51
N LYS C 75 -37.85 -24.32 3.52
CA LYS C 75 -37.62 -23.39 4.63
C LYS C 75 -36.17 -22.94 4.75
N LYS C 76 -35.45 -22.93 3.66
CA LYS C 76 -34.08 -22.46 3.73
C LYS C 76 -33.93 -21.42 2.62
N PRO C 77 -33.06 -20.44 2.81
CA PRO C 77 -32.84 -19.47 1.72
C PRO C 77 -32.17 -20.14 0.54
N PHE C 78 -32.70 -19.89 -0.65
CA PHE C 78 -32.26 -20.58 -1.85
C PHE C 78 -31.08 -19.85 -2.46
N GLU C 79 -29.94 -20.54 -2.51
CA GLU C 79 -28.70 -20.06 -3.09
C GLU C 79 -28.13 -18.86 -2.36
N ALA C 80 -26.87 -18.54 -2.67
CA ALA C 80 -26.15 -17.45 -2.03
C ALA C 80 -26.81 -16.10 -2.20
N LEU C 81 -27.51 -15.90 -3.32
CA LEU C 81 -28.14 -14.62 -3.58
C LEU C 81 -29.17 -14.30 -2.48
N ASN C 82 -29.85 -15.33 -1.97
CA ASN C 82 -30.84 -15.19 -0.89
C ASN C 82 -30.28 -15.45 0.50
N PHE C 83 -29.28 -16.34 0.64
CA PHE C 83 -28.67 -16.57 1.94
C PHE C 83 -27.96 -15.32 2.43
N TYR C 84 -27.26 -14.63 1.53
CA TYR C 84 -26.65 -13.33 1.80
C TYR C 84 -27.55 -12.27 1.18
N SER C 85 -28.62 -11.93 1.89
CA SER C 85 -29.65 -11.06 1.34
C SER C 85 -29.24 -9.60 1.52
N LYS C 86 -29.09 -8.91 0.39
CA LYS C 86 -28.77 -7.48 0.43
C LYS C 86 -29.84 -6.70 1.17
N LYS C 87 -31.11 -7.00 0.93
CA LYS C 87 -32.18 -6.27 1.60
C LYS C 87 -32.06 -6.43 3.12
N ALA C 88 -31.93 -7.67 3.57
CA ALA C 88 -31.76 -7.93 5.00
C ALA C 88 -30.57 -7.17 5.57
N LEU C 89 -29.42 -7.25 4.90
CA LEU C 89 -28.21 -6.58 5.40
C LEU C 89 -28.44 -5.07 5.53
N ASN C 90 -29.03 -4.45 4.51
CA ASN C 90 -29.40 -3.03 4.59
C ASN C 90 -30.27 -2.75 5.80
N GLU C 91 -31.27 -3.60 6.05
CA GLU C 91 -32.18 -3.35 7.17
C GLU C 91 -31.47 -3.52 8.51
N ILE C 92 -30.58 -4.51 8.61
CA ILE C 92 -29.81 -4.71 9.83
C ILE C 92 -28.95 -3.50 10.12
N PHE C 93 -28.28 -2.98 9.08
CA PHE C 93 -27.45 -1.81 9.31
C PHE C 93 -28.29 -0.60 9.71
N ALA C 94 -29.43 -0.42 9.06
CA ALA C 94 -30.28 0.71 9.39
C ALA C 94 -30.73 0.65 10.85
N ASN C 95 -31.22 -0.52 11.27
CA ASN C 95 -31.67 -0.69 12.65
C ASN C 95 -30.53 -0.52 13.65
N ALA C 96 -29.34 -1.01 13.31
CA ALA C 96 -28.17 -0.79 14.17
C ALA C 96 -27.84 0.69 14.31
N ARG C 97 -27.97 1.45 13.22
CA ARG C 97 -27.67 2.87 13.28
C ARG C 97 -28.74 3.63 14.02
N LYS C 98 -29.96 3.07 14.13
CA LYS C 98 -30.91 3.66 15.06
C LYS C 98 -30.34 3.71 16.47
N ILE C 99 -29.52 2.73 16.84
CA ILE C 99 -28.98 2.67 18.19
C ILE C 99 -27.65 3.42 18.32
N CYS C 100 -26.75 3.27 17.35
CA CYS C 100 -25.39 3.78 17.48
C CYS C 100 -25.13 5.06 16.68
N GLY C 101 -26.02 5.43 15.78
CA GLY C 101 -25.82 6.64 14.98
C GLY C 101 -24.63 6.49 14.04
N ASN C 102 -23.73 7.48 14.06
CA ASN C 102 -22.55 7.49 13.21
C ASN C 102 -21.32 6.84 13.81
N ASN C 103 -21.46 6.19 14.97
CA ASN C 103 -20.34 5.45 15.53
C ASN C 103 -19.93 4.35 14.56
N PRO C 104 -18.64 4.06 14.42
CA PRO C 104 -18.20 3.11 13.40
C PRO C 104 -18.80 1.72 13.58
N LEU C 105 -19.01 1.05 12.45
CA LEU C 105 -19.47 -0.33 12.40
C LEU C 105 -18.63 -1.14 11.41
N GLY C 106 -18.32 -2.38 11.79
CA GLY C 106 -17.78 -3.34 10.87
C GLY C 106 -18.85 -4.24 10.27
N ALA C 107 -18.48 -4.89 9.18
CA ALA C 107 -19.19 -6.03 8.62
C ALA C 107 -18.19 -7.16 8.58
N ASN C 108 -18.55 -8.30 9.16
CA ASN C 108 -17.68 -9.47 9.17
C ASN C 108 -18.14 -10.44 8.09
N ILE C 109 -17.22 -10.81 7.19
CA ILE C 109 -17.49 -11.68 6.04
C ILE C 109 -16.41 -12.74 5.92
N LEU C 110 -16.79 -14.00 6.12
CA LEU C 110 -15.84 -15.09 5.93
C LEU C 110 -15.41 -15.13 4.47
N TYR C 111 -14.11 -15.31 4.25
CA TYR C 111 -13.57 -15.34 2.89
C TYR C 111 -14.10 -16.53 2.10
N ALA C 112 -14.45 -17.62 2.80
CA ALA C 112 -14.87 -18.85 2.14
C ALA C 112 -16.23 -18.75 1.45
N ILE C 113 -16.98 -17.75 1.63
CA ILE C 113 -18.25 -17.80 1.05
C ILE C 113 -18.33 -17.64 -0.41
N ASN C 114 -19.33 -18.19 -1.01
CA ASN C 114 -19.64 -17.87 -2.39
C ASN C 114 -20.14 -16.44 -2.51
N ASP C 115 -19.82 -15.80 -3.64
CA ASP C 115 -20.24 -14.43 -3.92
C ASP C 115 -19.63 -13.44 -2.95
N TYR C 116 -18.44 -13.77 -2.43
CA TYR C 116 -17.77 -12.93 -1.43
C TYR C 116 -17.74 -11.48 -1.84
N GLY C 117 -17.34 -11.21 -3.08
CA GLY C 117 -17.18 -9.83 -3.51
C GLY C 117 -18.50 -9.09 -3.50
N ARG C 118 -19.56 -9.72 -4.01
CA ARG C 118 -20.87 -9.09 -3.99
C ARG C 118 -21.25 -8.73 -2.55
N VAL C 119 -20.97 -9.62 -1.60
CA VAL C 119 -21.39 -9.37 -0.22
C VAL C 119 -20.54 -8.27 0.42
N LEU C 120 -19.24 -8.23 0.08
CA LEU C 120 -18.40 -7.11 0.51
C LEU C 120 -18.96 -5.78 -0.01
N ARG C 121 -19.30 -5.74 -1.30
CA ARG C 121 -19.86 -4.53 -1.87
C ARG C 121 -21.18 -4.17 -1.18
N ASP C 122 -22.07 -5.15 -1.05
CA ASP C 122 -23.31 -4.98 -0.29
C ASP C 122 -23.05 -4.35 1.07
N SER C 123 -22.03 -4.84 1.78
CA SER C 123 -21.75 -4.34 3.12
C SER C 123 -21.31 -2.88 3.06
N CYS C 124 -20.47 -2.54 2.08
CA CYS C 124 -20.10 -1.14 1.89
C CYS C 124 -21.32 -0.28 1.60
N GLU C 125 -22.16 -0.75 0.71
CA GLU C 125 -23.35 -0.05 0.33
C GLU C 125 -24.35 0.03 1.48
N ALA C 126 -24.40 -0.96 2.33
CA ALA C 126 -25.16 -0.93 3.56
C ALA C 126 -24.59 0.06 4.56
N GLY C 127 -23.41 0.61 4.27
CA GLY C 127 -22.78 1.61 5.11
C GLY C 127 -21.79 1.13 6.14
N ALA C 128 -21.23 -0.07 6.00
CA ALA C 128 -20.15 -0.48 6.89
C ALA C 128 -18.97 0.49 6.77
N ASN C 129 -18.38 0.84 7.91
CA ASN C 129 -17.10 1.55 7.91
C ASN C 129 -15.92 0.61 7.75
N ILE C 130 -16.00 -0.60 8.29
CA ILE C 130 -14.86 -1.50 8.32
C ILE C 130 -15.33 -2.87 7.83
N ILE C 131 -14.49 -3.54 7.05
CA ILE C 131 -14.68 -4.94 6.67
C ILE C 131 -13.63 -5.80 7.36
N ILE C 132 -14.08 -6.86 8.02
CA ILE C 132 -13.22 -7.84 8.69
C ILE C 132 -13.44 -9.19 8.02
N THR C 133 -12.34 -9.88 7.69
CA THR C 133 -12.43 -11.14 6.95
C THR C 133 -11.47 -12.20 7.48
N GLY C 134 -12.05 -13.35 7.87
CA GLY C 134 -11.28 -14.53 8.21
C GLY C 134 -11.60 -15.70 7.31
N ALA C 135 -11.47 -16.92 7.83
CA ALA C 135 -11.80 -18.17 7.13
C ALA C 135 -11.09 -18.26 5.78
N GLY C 136 -9.81 -17.97 5.78
CA GLY C 136 -9.07 -18.01 4.54
C GLY C 136 -7.90 -17.04 4.60
N LEU C 137 -7.19 -16.97 3.47
CA LEU C 137 -6.11 -16.01 3.30
C LEU C 137 -6.66 -15.04 2.27
N PRO C 138 -7.25 -13.92 2.71
CA PRO C 138 -8.01 -13.04 1.80
C PRO C 138 -7.15 -12.16 0.91
N THR C 139 -6.45 -12.79 -0.02
CA THR C 139 -5.54 -12.03 -0.87
C THR C 139 -6.30 -11.14 -1.85
N ASN C 140 -7.59 -11.40 -2.10
CA ASN C 140 -8.36 -10.60 -3.03
C ASN C 140 -9.49 -9.82 -2.37
N MET C 141 -9.44 -9.64 -1.05
CA MET C 141 -10.42 -8.81 -0.34
C MET C 141 -10.65 -7.43 -0.97
N PRO C 142 -9.61 -6.67 -1.31
CA PRO C 142 -9.79 -5.29 -1.82
C PRO C 142 -10.46 -5.12 -3.19
N GLU C 143 -10.50 -6.14 -4.06
CA GLU C 143 -11.02 -5.92 -5.42
C GLU C 143 -12.47 -5.40 -5.47
N PHE C 144 -13.27 -5.72 -4.53
CA PHE C 144 -14.55 -5.19 -4.61
C PHE C 144 -14.80 -4.00 -3.85
N ALA C 145 -13.85 -3.52 -3.11
CA ALA C 145 -13.97 -2.33 -2.31
C ALA C 145 -13.40 -1.14 -2.94
N LYS C 146 -13.27 -1.17 -4.23
CA LYS C 146 -12.66 -0.19 -5.00
C LYS C 146 -13.26 1.13 -4.95
N ASP C 147 -14.53 1.19 -4.88
CA ASP C 147 -15.16 2.42 -4.88
C ASP C 147 -15.44 3.02 -3.61
N PHE C 148 -14.95 2.43 -2.53
CA PHE C 148 -15.16 2.82 -1.16
C PHE C 148 -13.85 2.98 -0.47
N SER C 149 -13.15 4.00 -0.84
CA SER C 149 -11.82 4.26 -0.29
C SER C 149 -11.84 4.50 1.22
N ASP C 150 -12.97 4.97 1.76
CA ASP C 150 -13.10 5.21 3.19
C ASP C 150 -13.15 3.94 4.02
N VAL C 151 -13.56 2.82 3.44
CA VAL C 151 -13.79 1.60 4.22
C VAL C 151 -12.45 0.92 4.46
N ALA C 152 -12.16 0.64 5.74
CA ALA C 152 -10.95 -0.03 6.15
C ALA C 152 -11.10 -1.54 6.02
N LEU C 153 -10.01 -2.22 5.68
CA LEU C 153 -10.02 -3.66 5.44
C LEU C 153 -9.10 -4.34 6.44
N ILE C 154 -9.59 -5.38 7.11
CA ILE C 154 -8.85 -6.06 8.18
C ILE C 154 -8.90 -7.56 7.95
N PRO C 155 -7.79 -8.15 7.50
CA PRO C 155 -7.69 -9.61 7.49
C PRO C 155 -7.49 -10.18 8.88
N ILE C 156 -8.00 -11.40 9.07
CA ILE C 156 -7.71 -12.22 10.23
C ILE C 156 -6.64 -13.23 9.82
N ILE C 157 -5.58 -13.32 10.64
CA ILE C 157 -4.42 -14.14 10.34
C ILE C 157 -4.02 -14.86 11.63
N SER C 158 -3.12 -15.84 11.45
CA SER C 158 -2.61 -16.62 12.57
C SER C 158 -1.08 -16.73 12.57
N SER C 159 -0.39 -16.02 11.68
CA SER C 159 1.05 -16.12 11.60
C SER C 159 1.63 -14.85 10.98
N ALA C 160 2.93 -14.63 11.23
CA ALA C 160 3.60 -13.53 10.57
C ALA C 160 3.82 -13.83 9.09
N LYS C 161 4.00 -15.10 8.76
CA LYS C 161 4.10 -15.48 7.36
C LYS C 161 2.88 -15.00 6.59
N ALA C 162 1.70 -15.25 7.16
CA ALA C 162 0.46 -14.83 6.52
C ALA C 162 0.43 -13.33 6.34
N LEU C 163 0.91 -12.58 7.33
CA LEU C 163 0.96 -11.13 7.22
C LEU C 163 1.83 -10.72 6.04
N LYS C 164 3.01 -11.33 5.92
CA LYS C 164 3.90 -10.96 4.84
C LYS C 164 3.27 -11.27 3.49
N ILE C 165 2.66 -12.45 3.37
CA ILE C 165 2.03 -12.84 2.11
C ILE C 165 0.92 -11.84 1.76
N LEU C 166 0.04 -11.57 2.73
CA LEU C 166 -1.09 -10.66 2.47
C LEU C 166 -0.57 -9.29 2.06
N CYS C 167 0.39 -8.74 2.80
CA CYS C 167 0.90 -7.41 2.48
C CYS C 167 1.48 -7.41 1.06
N LYS C 168 2.29 -8.43 0.73
CA LYS C 168 2.92 -8.45 -0.59
C LYS C 168 1.86 -8.56 -1.68
N ARG C 169 0.81 -9.35 -1.48
CA ARG C 169 -0.18 -9.56 -2.53
C ARG C 169 -1.12 -8.38 -2.66
N TRP C 170 -1.44 -7.74 -1.53
CA TRP C 170 -2.25 -6.54 -1.58
C TRP C 170 -1.51 -5.42 -2.28
N SER C 171 -0.24 -5.21 -1.93
CA SER C 171 0.52 -4.19 -2.61
C SER C 171 0.62 -4.52 -4.09
N ASP C 172 0.92 -5.72 -4.44
CA ASP C 172 1.04 -6.13 -5.80
C ASP C 172 -0.20 -5.96 -6.60
N ARG C 173 -1.31 -6.38 -6.10
CA ARG C 173 -2.52 -6.41 -6.93
C ARG C 173 -3.33 -5.12 -6.84
N TYR C 174 -3.24 -4.42 -5.70
CA TYR C 174 -4.11 -3.30 -5.41
C TYR C 174 -3.34 -2.07 -4.96
N LYS C 175 -2.07 -2.19 -4.75
CA LYS C 175 -1.25 -1.11 -4.20
C LYS C 175 -1.80 -0.52 -2.97
N ARG C 176 -2.13 -1.39 -2.09
CA ARG C 176 -2.77 -1.13 -0.80
C ARG C 176 -2.30 -2.12 0.25
N ILE C 177 -2.20 -1.66 1.49
CA ILE C 177 -1.91 -2.60 2.57
C ILE C 177 -3.05 -2.55 3.58
N PRO C 178 -3.33 -3.64 4.30
CA PRO C 178 -4.43 -3.65 5.27
C PRO C 178 -4.31 -2.55 6.30
N ASP C 179 -5.47 -2.07 6.75
CA ASP C 179 -5.56 -1.05 7.79
C ASP C 179 -5.31 -1.62 9.18
N ALA C 180 -5.41 -2.93 9.34
CA ALA C 180 -5.07 -3.59 10.58
C ALA C 180 -5.12 -5.09 10.33
N PHE C 181 -4.61 -5.84 11.30
CA PHE C 181 -4.67 -7.28 11.29
C PHE C 181 -5.22 -7.76 12.61
N ILE C 182 -6.15 -8.72 12.55
CA ILE C 182 -6.53 -9.48 13.74
C ILE C 182 -5.73 -10.76 13.78
N VAL C 183 -5.05 -11.02 14.89
CA VAL C 183 -4.36 -12.29 15.10
C VAL C 183 -5.24 -13.16 15.98
N GLU C 184 -5.83 -14.19 15.46
CA GLU C 184 -6.71 -15.07 16.19
C GLU C 184 -6.06 -16.27 16.63
N GLY C 185 -6.02 -16.50 17.91
CA GLY C 185 -5.37 -17.64 18.50
C GLY C 185 -6.31 -18.84 18.57
N PRO C 186 -5.75 -19.96 19.03
CA PRO C 186 -6.48 -21.24 19.02
C PRO C 186 -7.51 -21.42 20.12
N LEU C 187 -7.76 -20.42 20.95
CA LEU C 187 -8.81 -20.42 21.97
C LEU C 187 -10.08 -19.75 21.48
N SER C 188 -10.13 -19.38 20.21
CA SER C 188 -11.23 -18.62 19.63
C SER C 188 -12.49 -19.45 19.44
N GLY C 189 -13.62 -18.74 19.20
CA GLY C 189 -14.86 -19.42 18.86
C GLY C 189 -14.95 -19.64 17.36
N GLY C 190 -15.84 -20.54 16.94
CA GLY C 190 -15.96 -20.63 15.49
C GLY C 190 -14.74 -21.33 14.91
N HIS C 191 -14.38 -20.91 13.71
CA HIS C 191 -13.36 -21.55 12.90
C HIS C 191 -12.02 -21.04 13.45
N GLN C 192 -11.04 -21.93 13.61
CA GLN C 192 -9.75 -21.54 14.19
C GLN C 192 -8.69 -21.04 13.23
N GLY C 193 -8.26 -21.89 12.31
CA GLY C 193 -7.31 -21.52 11.31
C GLY C 193 -5.97 -22.18 11.51
N PHE C 194 -5.94 -23.32 12.19
CA PHE C 194 -4.76 -24.12 12.46
C PHE C 194 -5.20 -25.55 12.17
N LYS C 195 -4.27 -26.38 11.73
CA LYS C 195 -4.62 -27.80 11.65
C LYS C 195 -4.98 -28.26 13.05
N TYR C 196 -5.87 -29.24 13.15
CA TYR C 196 -6.35 -29.71 14.45
C TYR C 196 -5.17 -29.93 15.41
N GLU C 197 -4.17 -30.70 14.97
CA GLU C 197 -3.04 -31.05 15.83
C GLU C 197 -2.18 -29.84 16.24
N ASP C 198 -2.37 -28.65 15.64
CA ASP C 198 -1.58 -27.51 16.08
C ASP C 198 -2.29 -26.68 17.13
N CYS C 199 -3.54 -26.99 17.43
CA CYS C 199 -4.38 -26.18 18.28
C CYS C 199 -4.00 -26.34 19.73
N PHE C 200 -3.16 -27.36 20.04
CA PHE C 200 -2.76 -27.57 21.42
C PHE C 200 -1.24 -27.53 21.61
N LYS C 201 -0.50 -26.71 20.87
CA LYS C 201 0.95 -26.65 21.06
C LYS C 201 1.11 -25.28 21.69
N GLU C 202 1.73 -25.25 22.88
CA GLU C 202 1.90 -24.00 23.60
C GLU C 202 2.65 -22.94 22.80
N GLU C 203 3.42 -23.32 21.83
CA GLU C 203 4.15 -22.31 21.11
C GLU C 203 3.28 -21.40 20.42
N PHE C 204 2.19 -21.95 20.00
CA PHE C 204 1.27 -21.25 19.18
C PHE C 204 0.15 -20.55 19.86
N ARG C 205 0.22 -20.41 21.11
CA ARG C 205 -0.74 -19.67 21.93
C ARG C 205 -0.60 -18.17 21.66
N LEU C 206 -1.66 -17.47 21.90
CA LEU C 206 -1.76 -16.08 21.61
C LEU C 206 -0.71 -15.19 22.08
N GLU C 207 -0.17 -15.44 23.20
CA GLU C 207 0.77 -14.53 23.66
C GLU C 207 2.10 -14.81 23.08
N ASN C 208 2.33 -15.96 22.47
CA ASN C 208 3.50 -16.16 21.62
C ASN C 208 3.30 -15.60 20.21
N LEU C 209 2.05 -15.55 19.71
CA LEU C 209 1.81 -15.07 18.35
C LEU C 209 1.89 -13.56 18.22
N VAL C 210 1.35 -12.82 19.19
CA VAL C 210 1.24 -11.37 19.04
C VAL C 210 2.59 -10.73 18.79
N PRO C 211 3.64 -11.00 19.57
CA PRO C 211 4.95 -10.38 19.30
C PRO C 211 5.50 -10.69 17.92
N LYS C 212 5.30 -11.93 17.43
CA LYS C 212 5.85 -12.28 16.12
C LYS C 212 5.17 -11.45 15.04
N VAL C 213 3.87 -11.27 15.16
CA VAL C 213 3.13 -10.50 14.18
C VAL C 213 3.50 -9.02 14.29
N VAL C 214 3.71 -8.53 15.51
CA VAL C 214 4.08 -7.12 15.67
C VAL C 214 5.43 -6.86 14.99
N GLU C 215 6.43 -7.71 15.26
CA GLU C 215 7.71 -7.55 14.60
C GLU C 215 7.56 -7.61 13.08
N ALA C 216 6.84 -8.60 12.56
CA ALA C 216 6.64 -8.64 11.11
C ALA C 216 5.88 -7.43 10.56
N SER C 217 4.98 -6.84 11.35
CA SER C 217 4.23 -5.71 10.79
C SER C 217 5.08 -4.44 10.74
N LYS C 218 6.13 -4.30 11.46
CA LYS C 218 6.84 -3.09 11.36
C LYS C 218 7.53 -3.03 10.09
N GLU C 219 7.96 -4.13 9.60
CA GLU C 219 8.62 -4.02 8.31
C GLU C 219 7.73 -3.22 7.36
N TRP C 220 6.42 -3.23 7.61
CA TRP C 220 5.46 -2.57 6.73
C TRP C 220 4.75 -1.37 7.36
N GLY C 221 5.47 -0.45 8.00
CA GLY C 221 4.82 0.75 8.49
C GLY C 221 3.91 0.69 9.71
N ASN C 222 4.11 -0.28 10.61
CA ASN C 222 3.38 -0.34 11.88
C ASN C 222 1.86 -0.50 11.67
N ILE C 223 1.50 -1.57 10.97
CA ILE C 223 0.08 -1.92 10.87
C ILE C 223 -0.50 -2.21 12.27
N PRO C 224 -1.65 -1.63 12.64
CA PRO C 224 -2.25 -1.95 13.95
C PRO C 224 -2.56 -3.44 14.07
N ILE C 225 -2.32 -4.01 15.25
CA ILE C 225 -2.55 -5.42 15.53
C ILE C 225 -3.60 -5.59 16.64
N ILE C 226 -4.60 -6.41 16.36
CA ILE C 226 -5.72 -6.64 17.26
C ILE C 226 -5.71 -8.12 17.66
N ALA C 227 -5.52 -8.39 18.95
CA ALA C 227 -5.41 -9.75 19.45
C ALA C 227 -6.79 -10.32 19.68
N ALA C 228 -7.02 -11.57 19.25
CA ALA C 228 -8.31 -12.19 19.48
C ALA C 228 -8.16 -13.65 19.86
N GLY C 229 -9.05 -14.11 20.74
CA GLY C 229 -9.15 -15.51 21.05
C GLY C 229 -8.80 -15.82 22.49
N GLY C 230 -9.81 -15.92 23.34
CA GLY C 230 -9.56 -16.20 24.74
C GLY C 230 -9.44 -14.99 25.63
N ILE C 231 -9.60 -13.79 25.09
CA ILE C 231 -9.42 -12.60 25.92
C ILE C 231 -10.70 -12.39 26.69
N TRP C 232 -10.61 -12.43 28.02
CA TRP C 232 -11.78 -12.47 28.88
C TRP C 232 -11.99 -11.17 29.63
N ASP C 233 -10.96 -10.59 30.19
CA ASP C 233 -11.11 -9.40 30.99
C ASP C 233 -10.09 -8.37 30.88
N ARG C 234 -10.14 -7.33 31.66
CA ARG C 234 -9.21 -6.23 31.48
C ARG C 234 -7.76 -6.67 31.68
N LYS C 235 -7.53 -7.63 32.60
CA LYS C 235 -6.17 -8.10 32.82
C LYS C 235 -5.61 -8.73 31.56
N ASP C 236 -6.45 -9.41 30.79
CA ASP C 236 -6.10 -10.03 29.54
C ASP C 236 -5.90 -9.03 28.48
N ILE C 237 -6.70 -8.04 28.43
CA ILE C 237 -6.51 -6.93 27.49
C ILE C 237 -5.13 -6.29 27.68
N ASP C 238 -4.82 -5.87 28.91
CA ASP C 238 -3.51 -5.24 29.14
C ASP C 238 -2.38 -6.21 28.89
N THR C 239 -2.59 -7.49 29.16
CA THR C 239 -1.58 -8.48 28.80
C THR C 239 -1.28 -8.38 27.30
N MET C 240 -2.30 -8.23 26.52
CA MET C 240 -2.12 -8.19 25.10
C MET C 240 -1.56 -6.94 24.66
N LEU C 241 -1.94 -5.85 25.20
CA LEU C 241 -1.39 -4.54 24.85
C LEU C 241 0.09 -4.44 25.24
N SER C 242 0.46 -5.02 26.38
CA SER C 242 1.85 -5.04 26.79
C SER C 242 2.71 -5.80 25.79
N LEU C 243 2.11 -6.75 25.05
CA LEU C 243 2.85 -7.56 24.08
C LEU C 243 2.94 -6.90 22.71
N GLY C 244 2.38 -5.72 22.54
CA GLY C 244 2.50 -4.95 21.31
C GLY C 244 1.22 -4.78 20.52
N ALA C 245 0.14 -5.43 20.93
CA ALA C 245 -1.13 -5.26 20.23
C ALA C 245 -1.65 -3.84 20.39
N SER C 246 -2.19 -3.27 19.32
CA SER C 246 -2.89 -2.01 19.44
C SER C 246 -4.31 -2.20 19.97
N GLY C 247 -4.88 -3.37 19.86
CA GLY C 247 -6.21 -3.54 20.41
C GLY C 247 -6.55 -5.00 20.62
N VAL C 248 -7.80 -5.25 20.99
CA VAL C 248 -8.29 -6.61 21.14
C VAL C 248 -9.66 -6.76 20.49
N GLN C 249 -9.96 -7.99 20.08
CA GLN C 249 -11.28 -8.40 19.62
C GLN C 249 -11.74 -9.54 20.50
N MET C 250 -12.92 -9.37 21.08
CA MET C 250 -13.55 -10.35 21.95
C MET C 250 -14.93 -10.72 21.42
N ALA C 251 -15.36 -11.96 21.68
CA ALA C 251 -16.67 -12.35 21.17
C ALA C 251 -17.49 -13.11 22.20
N THR C 252 -16.91 -14.14 22.83
CA THR C 252 -17.64 -14.95 23.80
C THR C 252 -18.28 -14.09 24.89
N ARG C 253 -17.55 -13.10 25.42
CA ARG C 253 -18.11 -12.21 26.43
C ARG C 253 -19.38 -11.55 25.93
N PHE C 254 -19.34 -11.02 24.71
CA PHE C 254 -20.52 -10.36 24.14
C PHE C 254 -21.61 -11.37 23.81
N LEU C 255 -21.22 -12.60 23.42
CA LEU C 255 -22.18 -13.69 23.31
C LEU C 255 -22.93 -13.90 24.62
N GLY C 256 -22.30 -13.58 25.74
CA GLY C 256 -22.94 -13.74 27.03
C GLY C 256 -23.73 -12.53 27.48
N THR C 257 -24.12 -11.65 26.57
CA THR C 257 -24.89 -10.47 26.93
C THR C 257 -26.35 -10.60 26.55
N LYS C 258 -27.18 -9.79 27.21
CA LYS C 258 -28.61 -9.74 26.89
C LYS C 258 -28.88 -9.21 25.49
N GLU C 259 -28.08 -8.26 25.03
CA GLU C 259 -28.35 -7.64 23.73
C GLU C 259 -28.03 -8.55 22.55
N CYS C 260 -27.42 -9.71 22.79
CA CYS C 260 -27.15 -10.65 21.71
C CYS C 260 -28.40 -10.96 20.91
N ASP C 261 -28.27 -10.99 19.58
CA ASP C 261 -29.42 -11.13 18.70
C ASP C 261 -29.91 -12.57 18.56
N ALA C 262 -29.14 -13.55 19.03
CA ALA C 262 -29.55 -14.95 19.02
C ALA C 262 -29.88 -15.30 20.46
N LYS C 263 -31.17 -15.18 20.81
CA LYS C 263 -31.59 -15.23 22.21
C LYS C 263 -31.32 -16.58 22.84
N VAL C 264 -31.14 -17.62 22.02
CA VAL C 264 -30.90 -18.96 22.54
C VAL C 264 -29.67 -18.99 23.42
N TYR C 265 -28.65 -18.18 23.09
CA TYR C 265 -27.42 -18.20 23.87
C TYR C 265 -27.64 -17.73 25.30
N ALA C 266 -28.60 -16.82 25.52
CA ALA C 266 -28.82 -16.38 26.90
C ALA C 266 -29.34 -17.53 27.74
N ASP C 267 -30.04 -18.47 27.11
CA ASP C 267 -30.50 -19.68 27.77
C ASP C 267 -29.38 -20.72 27.90
N LEU C 268 -28.46 -20.77 26.95
CA LEU C 268 -27.60 -21.95 26.81
C LEU C 268 -26.27 -21.86 27.56
N LEU C 269 -25.60 -20.69 27.54
CA LEU C 269 -24.23 -20.54 28.08
C LEU C 269 -24.03 -20.70 29.58
N PRO C 270 -24.93 -20.23 30.45
CA PRO C 270 -24.69 -20.38 31.89
C PRO C 270 -24.64 -21.83 32.35
N THR C 271 -25.13 -22.79 31.56
CA THR C 271 -25.03 -24.20 31.90
C THR C 271 -23.77 -24.85 31.32
N LEU C 272 -23.02 -24.14 30.48
CA LEU C 272 -21.95 -24.74 29.69
C LEU C 272 -20.77 -25.18 30.58
N LYS C 273 -20.43 -26.46 30.46
CA LYS C 273 -19.31 -27.12 31.11
C LYS C 273 -18.09 -27.22 30.20
N LYS C 274 -16.90 -27.27 30.83
CA LYS C 274 -15.66 -27.28 30.06
C LYS C 274 -15.62 -28.50 29.15
N GLU C 275 -16.12 -29.64 29.63
CA GLU C 275 -16.10 -30.88 28.85
C GLU C 275 -17.15 -30.86 27.73
N ASP C 276 -17.92 -29.81 27.67
CA ASP C 276 -18.91 -29.70 26.67
C ASP C 276 -18.57 -28.77 25.56
N ILE C 277 -17.36 -28.34 25.54
CA ILE C 277 -16.80 -27.51 24.46
C ILE C 277 -15.96 -28.43 23.59
N LEU C 278 -16.30 -28.55 22.31
CA LEU C 278 -15.58 -29.53 21.51
C LEU C 278 -14.94 -28.78 20.36
N LEU C 279 -13.93 -29.42 19.80
CA LEU C 279 -13.38 -29.00 18.52
C LEU C 279 -13.80 -30.02 17.46
N ILE C 280 -14.49 -29.55 16.42
CA ILE C 280 -15.17 -30.39 15.43
C ILE C 280 -14.68 -30.05 14.04
N LYS C 281 -15.03 -30.94 13.11
CA LYS C 281 -14.81 -30.70 11.71
C LYS C 281 -15.91 -29.80 11.17
N SER C 282 -15.64 -29.20 10.02
CA SER C 282 -16.52 -28.19 9.45
C SER C 282 -16.47 -28.30 7.93
N PRO C 283 -17.57 -28.04 7.24
CA PRO C 283 -17.53 -28.01 5.77
C PRO C 283 -16.66 -26.89 5.22
N VAL C 284 -16.29 -25.91 6.03
CA VAL C 284 -15.43 -24.82 5.57
C VAL C 284 -13.97 -25.28 5.47
N GLY C 285 -13.63 -26.40 6.11
CA GLY C 285 -12.32 -26.96 5.97
C GLY C 285 -11.36 -26.46 7.03
N TYR C 286 -11.87 -25.75 8.03
CA TYR C 286 -11.13 -25.43 9.23
C TYR C 286 -11.83 -26.05 10.44
N PRO C 287 -11.10 -26.34 11.51
CA PRO C 287 -11.75 -26.81 12.73
C PRO C 287 -12.62 -25.72 13.33
N ALA C 288 -13.68 -26.13 14.00
CA ALA C 288 -14.59 -25.18 14.60
C ALA C 288 -14.82 -25.56 16.04
N ARG C 289 -14.83 -24.58 16.93
CA ARG C 289 -15.11 -24.81 18.34
C ARG C 289 -16.59 -24.62 18.57
N ALA C 290 -17.25 -25.65 19.11
CA ALA C 290 -18.71 -25.72 19.15
C ALA C 290 -19.13 -26.30 20.50
N ILE C 291 -20.44 -26.25 20.77
CA ILE C 291 -21.01 -26.81 22.00
C ILE C 291 -21.52 -28.21 21.68
N ASN C 292 -21.33 -29.15 22.62
CA ASN C 292 -21.80 -30.53 22.43
C ASN C 292 -23.30 -30.55 22.68
N THR C 293 -24.01 -29.99 21.71
CA THR C 293 -25.45 -29.86 21.76
C THR C 293 -25.95 -29.68 20.32
N GLY C 294 -27.26 -29.68 20.15
CA GLY C 294 -27.85 -29.50 18.83
C GLY C 294 -27.47 -30.62 17.86
N VAL C 295 -27.11 -30.23 16.64
CA VAL C 295 -26.84 -31.23 15.61
C VAL C 295 -25.74 -32.17 16.05
N ILE C 296 -24.81 -31.65 16.84
CA ILE C 296 -23.70 -32.46 17.35
C ILE C 296 -24.25 -33.62 18.16
N LYS C 297 -25.24 -33.32 18.96
CA LYS C 297 -25.89 -34.28 19.79
C LYS C 297 -26.53 -35.33 18.94
N ARG C 298 -27.16 -34.91 17.94
CA ARG C 298 -27.77 -35.78 17.00
C ARG C 298 -26.76 -36.61 16.29
N ILE C 299 -25.70 -36.06 15.81
CA ILE C 299 -24.74 -36.87 15.09
C ILE C 299 -24.29 -38.03 15.96
N GLU C 300 -24.14 -37.79 17.27
CA GLU C 300 -23.76 -38.88 18.15
C GLU C 300 -24.82 -39.97 18.12
N GLU C 301 -26.09 -39.57 17.99
CA GLU C 301 -27.24 -40.48 18.07
C GLU C 301 -27.64 -41.11 16.74
N GLY C 302 -27.14 -40.63 15.60
CA GLY C 302 -27.54 -41.17 14.31
C GLY C 302 -28.82 -40.59 13.74
N ASN C 303 -29.33 -39.50 14.29
CA ASN C 303 -30.58 -38.83 13.94
C ASN C 303 -30.33 -37.39 13.48
N ALA C 304 -29.18 -37.13 12.87
CA ALA C 304 -28.97 -35.76 12.41
C ALA C 304 -29.84 -35.45 11.20
N PRO C 305 -30.12 -34.16 10.96
CA PRO C 305 -31.06 -33.78 9.90
C PRO C 305 -30.48 -34.11 8.55
N LYS C 306 -31.37 -34.33 7.58
CA LYS C 306 -30.91 -34.54 6.22
C LYS C 306 -30.12 -33.35 5.68
N ILE C 307 -29.02 -33.65 4.99
CA ILE C 307 -28.21 -32.64 4.33
C ILE C 307 -28.74 -32.53 2.91
N ALA C 308 -29.13 -31.32 2.51
CA ALA C 308 -29.57 -31.10 1.13
C ALA C 308 -29.20 -29.67 0.79
N CYS C 309 -28.15 -29.51 -0.01
CA CYS C 309 -27.62 -28.17 -0.24
C CYS C 309 -28.64 -27.24 -0.89
N VAL C 310 -29.28 -26.39 -0.09
CA VAL C 310 -30.18 -25.39 -0.62
C VAL C 310 -29.51 -24.02 -0.70
N SER C 311 -28.84 -23.60 0.38
CA SER C 311 -28.30 -22.24 0.42
C SER C 311 -26.94 -22.09 -0.27
N ASN C 312 -26.17 -23.17 -0.42
CA ASN C 312 -24.87 -23.11 -1.09
C ASN C 312 -23.95 -22.05 -0.49
N CYS C 313 -23.77 -22.10 0.84
CA CYS C 313 -23.22 -20.94 1.54
C CYS C 313 -21.72 -20.75 1.26
N VAL C 314 -20.94 -21.84 1.18
CA VAL C 314 -19.49 -21.74 1.12
C VAL C 314 -18.93 -22.62 0.00
N ALA C 315 -17.92 -22.09 -0.69
CA ALA C 315 -17.27 -22.83 -1.76
C ALA C 315 -16.56 -24.11 -1.35
N PRO C 316 -15.78 -24.17 -0.27
CA PRO C 316 -15.02 -25.41 0.01
C PRO C 316 -15.87 -26.63 0.24
N CYS C 317 -17.14 -26.48 0.58
CA CYS C 317 -17.96 -27.65 0.83
C CYS C 317 -18.34 -28.32 -0.48
N ASN C 318 -18.33 -27.56 -1.57
CA ASN C 318 -18.65 -28.07 -2.90
C ASN C 318 -20.09 -28.57 -2.95
N ARG C 319 -20.99 -27.80 -2.42
CA ARG C 319 -22.39 -28.04 -2.42
C ARG C 319 -22.96 -29.18 -1.73
N GLY C 320 -22.31 -29.59 -0.70
CA GLY C 320 -22.72 -30.72 0.12
C GLY C 320 -21.73 -31.86 0.21
N GLU C 321 -20.67 -31.88 -0.61
CA GLU C 321 -19.72 -32.99 -0.54
C GLU C 321 -19.12 -33.08 0.86
N GLU C 322 -18.58 -31.96 1.33
CA GLU C 322 -17.94 -31.91 2.64
C GLU C 322 -18.96 -31.94 3.76
N ALA C 323 -20.12 -31.30 3.58
CA ALA C 323 -21.18 -31.38 4.58
C ALA C 323 -21.54 -32.83 4.88
N LYS C 324 -21.81 -33.61 3.82
CA LYS C 324 -22.06 -35.05 4.00
C LYS C 324 -20.87 -35.72 4.66
N LYS C 325 -19.65 -35.34 4.26
CA LYS C 325 -18.49 -36.01 4.82
C LYS C 325 -18.34 -35.71 6.31
N VAL C 326 -18.75 -34.54 6.76
CA VAL C 326 -18.62 -34.17 8.17
C VAL C 326 -19.91 -34.31 8.95
N GLY C 327 -21.03 -34.58 8.28
CA GLY C 327 -22.25 -34.93 8.97
C GLY C 327 -23.26 -33.82 9.18
N TYR C 328 -22.96 -32.58 8.79
CA TYR C 328 -23.92 -31.50 9.00
C TYR C 328 -23.72 -30.38 8.00
N CYS C 329 -24.79 -29.61 7.79
CA CYS C 329 -24.77 -28.41 6.96
C CYS C 329 -24.67 -27.19 7.87
N ILE C 330 -23.64 -26.37 7.66
CA ILE C 330 -23.39 -25.30 8.61
C ILE C 330 -24.34 -24.12 8.38
N ALA C 331 -24.81 -23.91 7.14
CA ALA C 331 -25.78 -22.85 6.91
C ALA C 331 -27.11 -23.17 7.58
N ASP C 332 -27.55 -24.37 7.47
CA ASP C 332 -28.77 -24.77 8.06
C ASP C 332 -28.65 -24.92 9.50
N GLY C 333 -27.59 -25.42 10.05
CA GLY C 333 -27.41 -25.51 11.47
C GLY C 333 -27.40 -24.15 12.13
N LEU C 334 -26.59 -23.24 11.60
CA LEU C 334 -26.50 -21.93 12.23
C LEU C 334 -27.80 -21.16 12.08
N GLY C 335 -28.48 -21.26 10.93
CA GLY C 335 -29.77 -20.61 10.80
C GLY C 335 -30.78 -21.16 11.78
N ARG C 336 -30.73 -22.39 12.05
CA ARG C 336 -31.70 -22.87 12.93
C ARG C 336 -31.36 -22.48 14.27
N SER C 337 -30.13 -22.40 14.62
CA SER C 337 -29.75 -21.90 15.94
C SER C 337 -30.29 -20.49 16.15
N TYR C 338 -30.13 -19.63 15.14
CA TYR C 338 -30.69 -18.28 15.23
C TYR C 338 -32.19 -18.33 15.45
N LEU C 339 -32.87 -19.27 14.79
CA LEU C 339 -34.30 -19.54 14.93
C LEU C 339 -34.67 -20.18 16.27
N GLY C 340 -33.71 -20.51 17.12
CA GLY C 340 -33.98 -21.07 18.42
C GLY C 340 -34.13 -22.57 18.50
N ASN C 341 -33.69 -23.30 17.48
CA ASN C 341 -33.87 -24.74 17.50
C ASN C 341 -32.76 -25.38 18.32
N ARG C 342 -33.11 -25.91 19.43
CA ARG C 342 -32.08 -26.45 20.15
C ARG C 342 -31.86 -27.82 19.80
N GLU C 343 -32.80 -28.46 19.21
CA GLU C 343 -32.61 -29.85 18.83
C GLU C 343 -31.66 -29.94 17.65
N GLU C 344 -31.79 -29.02 16.69
CA GLU C 344 -31.07 -29.12 15.42
C GLU C 344 -30.17 -27.92 15.14
N GLY C 345 -30.08 -26.94 16.04
CA GLY C 345 -29.17 -25.85 15.82
C GLY C 345 -27.71 -26.25 16.01
N LEU C 346 -26.81 -25.48 15.43
CA LEU C 346 -25.38 -25.60 15.69
C LEU C 346 -24.95 -24.38 16.49
N TYR C 347 -24.22 -24.60 17.58
CA TYR C 347 -23.88 -23.50 18.49
C TYR C 347 -22.38 -23.41 18.66
N PHE C 348 -21.86 -22.19 18.58
CA PHE C 348 -20.43 -21.95 18.68
C PHE C 348 -20.10 -21.29 20.00
N THR C 349 -18.82 -21.37 20.39
CA THR C 349 -18.34 -20.69 21.59
C THR C 349 -16.81 -20.66 21.57
N GLY C 350 -16.24 -19.67 22.25
CA GLY C 350 -14.83 -19.71 22.60
C GLY C 350 -14.56 -20.72 23.71
N ALA C 351 -13.28 -20.98 23.91
CA ALA C 351 -12.88 -21.88 24.98
C ALA C 351 -13.27 -21.38 26.36
N ASN C 352 -13.45 -20.07 26.54
CA ASN C 352 -13.86 -19.53 27.83
C ASN C 352 -15.37 -19.59 28.04
N GLY C 353 -16.09 -20.19 27.10
CA GLY C 353 -17.54 -20.28 27.20
C GLY C 353 -18.05 -20.78 28.54
N TYR C 354 -17.30 -21.63 29.17
CA TYR C 354 -17.71 -22.18 30.41
C TYR C 354 -17.76 -21.24 31.49
N ARG C 355 -17.22 -20.09 31.33
CA ARG C 355 -17.15 -19.19 32.41
C ARG C 355 -18.24 -18.21 32.51
N VAL C 356 -19.24 -18.33 31.69
CA VAL C 356 -20.31 -17.41 31.68
C VAL C 356 -21.44 -17.82 32.56
N ASP C 357 -21.79 -17.07 33.55
CA ASP C 357 -23.00 -17.24 34.35
C ASP C 357 -23.90 -16.03 34.34
N LYS C 358 -23.27 -14.98 34.01
CA LYS C 358 -23.62 -13.68 33.96
C LYS C 358 -24.22 -13.30 32.69
N ILE C 359 -25.53 -13.20 32.63
CA ILE C 359 -26.11 -12.65 31.43
C ILE C 359 -26.28 -11.23 31.80
N ILE C 360 -25.49 -10.42 31.17
CA ILE C 360 -25.31 -9.05 31.43
C ILE C 360 -25.59 -8.15 30.29
N SER C 361 -25.77 -6.88 30.57
CA SER C 361 -26.04 -5.95 29.49
C SER C 361 -24.72 -5.52 28.87
N VAL C 362 -24.77 -5.15 27.59
CA VAL C 362 -23.57 -4.68 26.90
C VAL C 362 -22.94 -3.47 27.60
N HIS C 363 -23.78 -2.58 28.14
CA HIS C 363 -23.25 -1.40 28.84
C HIS C 363 -22.40 -1.80 30.04
N GLU C 364 -22.90 -2.70 30.82
CA GLU C 364 -22.15 -3.14 31.92
C GLU C 364 -20.89 -3.88 31.59
N LEU C 365 -20.90 -4.65 30.55
CA LEU C 365 -19.70 -5.34 30.09
C LEU C 365 -18.63 -4.34 29.66
N ILE C 366 -19.02 -3.36 28.83
CA ILE C 366 -18.05 -2.37 28.36
C ILE C 366 -17.51 -1.54 29.53
N LYS C 367 -18.29 -1.35 30.56
CA LYS C 367 -17.84 -0.66 31.76
C LYS C 367 -16.90 -1.47 32.41
N GLU C 368 -17.30 -2.63 32.76
CA GLU C 368 -16.39 -3.54 33.33
C GLU C 368 -15.03 -3.57 32.72
N LEU C 369 -14.94 -3.59 31.41
CA LEU C 369 -13.67 -3.71 30.70
C LEU C 369 -12.90 -2.40 30.60
N THR C 370 -13.56 -1.23 30.72
CA THR C 370 -12.82 0.00 30.46
C THR C 370 -12.50 0.88 31.67
N GLU C 371 -13.00 0.70 32.85
CA GLU C 371 -12.67 1.57 33.91
C GLU C 371 -11.28 1.58 34.28
N GLY C 372 -10.73 2.73 34.34
CA GLY C 372 -9.34 2.91 34.76
C GLY C 372 -8.35 2.17 33.89
N PHE D 12 12.15 -26.45 -17.89
CA PHE D 12 11.87 -27.24 -16.70
C PHE D 12 12.98 -27.14 -15.67
N GLU D 13 14.22 -26.98 -16.17
CA GLU D 13 15.37 -26.98 -15.27
C GLU D 13 15.39 -25.75 -14.37
N ASP D 14 14.94 -24.60 -14.90
CA ASP D 14 14.87 -23.39 -14.07
C ASP D 14 13.72 -23.46 -13.07
N ILE D 15 12.54 -23.91 -13.53
CA ILE D 15 11.41 -24.18 -12.62
C ILE D 15 11.86 -25.08 -11.48
N GLN D 16 12.53 -26.17 -11.84
CA GLN D 16 13.12 -27.09 -10.87
C GLN D 16 14.02 -26.34 -9.89
N ALA D 17 14.90 -25.50 -10.42
CA ALA D 17 15.88 -24.78 -9.60
C ALA D 17 15.22 -23.96 -8.49
N VAL D 18 13.99 -23.52 -8.71
CA VAL D 18 13.33 -22.59 -7.78
C VAL D 18 12.51 -23.36 -6.75
N ILE D 19 11.73 -24.35 -7.20
CA ILE D 19 11.07 -25.28 -6.28
C ILE D 19 12.10 -25.90 -5.35
N ALA D 20 13.30 -26.11 -5.90
CA ALA D 20 14.44 -26.59 -5.11
C ALA D 20 14.80 -25.60 -4.02
N GLU D 21 15.16 -24.35 -4.41
CA GLU D 21 15.71 -23.38 -3.45
C GLU D 21 14.65 -22.91 -2.45
N GLN D 22 13.40 -22.72 -2.91
CA GLN D 22 12.34 -22.18 -2.07
C GLN D 22 11.93 -23.16 -0.96
N LEU D 23 11.84 -24.44 -1.29
CA LEU D 23 11.30 -25.45 -0.39
C LEU D 23 12.37 -26.13 0.44
N ASN D 24 13.65 -25.76 0.29
CA ASN D 24 14.73 -26.47 0.95
C ASN D 24 14.69 -27.95 0.53
N VAL D 25 14.86 -28.18 -0.78
CA VAL D 25 14.76 -29.52 -1.37
C VAL D 25 15.81 -29.67 -2.47
N ASP D 26 16.14 -30.93 -2.78
CA ASP D 26 17.10 -31.27 -3.82
C ASP D 26 16.41 -31.40 -5.16
N ALA D 27 17.07 -30.88 -6.21
CA ALA D 27 16.52 -30.90 -7.57
C ALA D 27 16.17 -32.31 -8.04
N ALA D 28 16.84 -33.33 -7.48
CA ALA D 28 16.55 -34.72 -7.83
C ALA D 28 15.24 -35.21 -7.22
N GLN D 29 14.65 -34.48 -6.26
CA GLN D 29 13.33 -34.79 -5.72
C GLN D 29 12.21 -34.05 -6.42
N VAL D 30 12.54 -33.08 -7.28
CA VAL D 30 11.56 -32.25 -8.01
C VAL D 30 11.29 -32.84 -9.40
N THR D 31 10.65 -34.02 -9.42
CA THR D 31 9.99 -34.94 -10.33
C THR D 31 8.66 -34.36 -10.80
N PRO D 32 8.36 -34.35 -12.11
CA PRO D 32 6.98 -34.02 -12.55
C PRO D 32 5.83 -34.68 -11.78
N GLU D 33 6.11 -35.73 -11.00
CA GLU D 33 5.10 -36.45 -10.22
C GLU D 33 4.97 -35.95 -8.79
N ALA D 34 6.03 -35.38 -8.22
CA ALA D 34 6.03 -35.03 -6.81
C ALA D 34 5.01 -33.93 -6.50
N GLU D 35 4.27 -34.13 -5.40
CA GLU D 35 3.32 -33.13 -4.90
C GLU D 35 4.00 -32.24 -3.86
N PHE D 36 3.62 -30.97 -3.85
CA PHE D 36 4.19 -30.03 -2.89
C PHE D 36 3.69 -30.31 -1.48
N VAL D 37 2.44 -30.76 -1.36
CA VAL D 37 1.91 -31.09 -0.04
C VAL D 37 2.72 -32.23 0.57
N LYS D 38 2.82 -33.34 -0.17
CA LYS D 38 3.00 -34.73 0.28
C LYS D 38 4.44 -35.18 0.31
N ASP D 39 5.21 -34.77 -0.70
CA ASP D 39 6.54 -35.29 -1.02
C ASP D 39 7.66 -34.28 -0.79
N LEU D 40 7.37 -32.98 -0.90
CA LEU D 40 8.40 -31.97 -0.71
C LEU D 40 8.24 -31.22 0.61
N GLY D 41 7.35 -31.68 1.50
CA GLY D 41 7.20 -31.20 2.86
C GLY D 41 6.82 -29.74 3.02
N ALA D 42 5.74 -29.30 2.37
CA ALA D 42 5.35 -27.89 2.35
C ALA D 42 4.00 -27.69 3.03
N ASP D 43 3.88 -26.55 3.75
CA ASP D 43 2.62 -26.06 4.35
C ASP D 43 2.00 -24.98 3.45
N SER D 44 0.73 -24.61 3.66
CA SER D 44 0.04 -23.77 2.62
C SER D 44 0.70 -22.45 2.35
N LEU D 45 1.43 -21.87 3.32
CA LEU D 45 2.08 -20.58 3.04
C LEU D 45 3.41 -20.73 2.35
N ASP D 46 4.06 -21.87 2.50
CA ASP D 46 5.25 -22.12 1.69
C ASP D 46 4.87 -22.25 0.22
N VAL D 47 3.69 -22.84 -0.08
CA VAL D 47 3.28 -22.96 -1.49
C VAL D 47 2.97 -21.59 -2.08
N VAL D 48 2.27 -20.73 -1.35
CA VAL D 48 1.99 -19.41 -1.88
C VAL D 48 3.26 -18.65 -2.16
N GLU D 49 4.16 -18.63 -1.19
CA GLU D 49 5.43 -17.98 -1.38
C GLU D 49 6.16 -18.56 -2.60
N LEU D 50 5.94 -19.85 -2.86
CA LEU D 50 6.54 -20.49 -4.03
C LEU D 50 5.93 -19.98 -5.33
N ILE D 51 4.59 -19.99 -5.41
CA ILE D 51 3.95 -19.36 -6.57
C ILE D 51 4.46 -17.93 -6.75
N MET D 52 4.51 -17.16 -5.65
CA MET D 52 4.96 -15.78 -5.75
C MET D 52 6.38 -15.68 -6.29
N ALA D 53 7.23 -16.67 -5.98
CA ALA D 53 8.60 -16.67 -6.45
C ALA D 53 8.67 -17.00 -7.95
N LEU D 54 7.94 -18.02 -8.38
CA LEU D 54 7.86 -18.30 -9.81
C LEU D 54 7.17 -17.17 -10.55
N GLU D 55 6.11 -16.60 -9.97
CA GLU D 55 5.42 -15.45 -10.56
C GLU D 55 6.42 -14.37 -10.96
N GLU D 56 7.47 -14.22 -10.15
CA GLU D 56 8.47 -13.17 -10.34
C GLU D 56 9.48 -13.54 -11.44
N LYS D 57 10.02 -14.75 -11.37
CA LYS D 57 11.20 -15.08 -12.15
C LYS D 57 10.88 -15.45 -13.60
N PHE D 58 9.65 -15.88 -13.91
CA PHE D 58 9.21 -16.03 -15.30
C PHE D 58 8.24 -14.95 -15.73
N GLY D 59 8.09 -13.90 -14.92
CA GLY D 59 7.29 -12.75 -15.32
C GLY D 59 5.88 -13.10 -15.74
N ILE D 60 5.22 -14.00 -15.00
CA ILE D 60 3.84 -14.39 -15.27
C ILE D 60 3.06 -14.29 -13.96
N GLU D 61 1.74 -14.28 -14.11
CA GLU D 61 0.82 -14.17 -12.99
C GLU D 61 -0.12 -15.36 -12.99
N ILE D 62 -0.48 -15.79 -11.80
CA ILE D 62 -1.31 -16.97 -11.62
C ILE D 62 -2.50 -16.59 -10.75
N PRO D 63 -3.63 -16.19 -11.32
CA PRO D 63 -4.82 -15.96 -10.50
C PRO D 63 -5.15 -17.22 -9.71
N ASP D 64 -5.64 -17.02 -8.47
CA ASP D 64 -5.69 -18.12 -7.52
C ASP D 64 -6.75 -19.17 -7.85
N GLU D 65 -7.68 -18.88 -8.77
CA GLU D 65 -8.62 -19.93 -9.20
C GLU D 65 -7.91 -21.03 -9.97
N GLN D 66 -6.87 -20.65 -10.69
CA GLN D 66 -5.92 -21.61 -11.22
C GLN D 66 -5.02 -22.15 -10.11
N ALA D 67 -4.26 -21.25 -9.45
CA ALA D 67 -3.25 -21.64 -8.47
C ALA D 67 -3.76 -22.62 -7.42
N GLU D 68 -5.07 -22.78 -7.27
CA GLU D 68 -5.60 -23.80 -6.37
C GLU D 68 -5.69 -25.17 -7.05
N LYS D 69 -5.66 -25.22 -8.39
CA LYS D 69 -5.69 -26.48 -9.12
C LYS D 69 -4.42 -27.29 -8.92
N ILE D 70 -3.30 -26.60 -8.68
CA ILE D 70 -1.97 -27.18 -8.74
C ILE D 70 -1.71 -28.02 -7.49
N VAL D 71 -1.21 -29.23 -7.68
CA VAL D 71 -0.87 -30.11 -6.57
C VAL D 71 0.57 -30.58 -6.71
N ASN D 72 0.96 -30.92 -7.93
CA ASN D 72 2.23 -31.54 -8.24
C ASN D 72 2.99 -30.64 -9.20
N VAL D 73 4.31 -30.82 -9.26
CA VAL D 73 5.11 -29.85 -9.99
C VAL D 73 4.81 -29.86 -11.49
N GLY D 74 4.20 -30.94 -11.98
CA GLY D 74 3.88 -31.01 -13.39
C GLY D 74 2.76 -30.06 -13.76
N ASP D 75 1.76 -29.93 -12.87
CA ASP D 75 0.75 -28.90 -12.99
C ASP D 75 1.39 -27.53 -13.19
N VAL D 76 2.40 -27.22 -12.37
CA VAL D 76 3.16 -25.98 -12.46
C VAL D 76 3.76 -25.84 -13.84
N VAL D 77 4.69 -26.74 -14.15
CA VAL D 77 5.38 -26.72 -15.43
C VAL D 77 4.38 -26.52 -16.56
N LYS D 78 3.31 -27.34 -16.56
CA LYS D 78 2.24 -27.21 -17.53
C LYS D 78 1.72 -25.77 -17.60
N TYR D 79 1.50 -25.16 -16.43
CA TYR D 79 0.98 -23.80 -16.42
C TYR D 79 1.95 -22.85 -17.09
N ILE D 80 3.21 -22.83 -16.64
CA ILE D 80 4.14 -21.84 -17.15
C ILE D 80 4.43 -22.06 -18.63
N GLU D 81 4.12 -23.26 -19.14
CA GLU D 81 4.44 -23.59 -20.52
C GLU D 81 3.46 -22.93 -21.48
N ASP D 82 2.16 -23.06 -21.23
CA ASP D 82 1.21 -22.22 -21.95
C ASP D 82 1.39 -20.75 -21.58
N ASN D 83 1.68 -20.48 -20.31
CA ASN D 83 1.70 -19.10 -19.80
C ASN D 83 3.11 -18.63 -19.43
#